data_3W1L
#
_entry.id   3W1L
#
_cell.length_a   68.364
_cell.length_b   71.894
_cell.length_c   123.839
_cell.angle_alpha   90.00
_cell.angle_beta   90.00
_cell.angle_gamma   90.00
#
_symmetry.space_group_name_H-M   'P 21 21 21'
#
loop_
_entity.id
_entity.type
_entity.pdbx_description
1 polymer 'Dihydroorotate dehydrogenase (fumarate)'
2 non-polymer 'FLAVIN MONONUCLEOTIDE'
3 non-polymer 'COBALT HEXAMMINE(III)'
4 non-polymer '5-chloro-2,6-dioxo-1,2,3,6-tetrahydropyrimidine-4-carboxylic acid'
5 non-polymer GLYCEROL
6 water water
#
_entity_poly.entity_id   1
_entity_poly.type   'polypeptide(L)'
_entity_poly.pdbx_seq_one_letter_code
;MCLKLNLLDHVFANPFMNAAGVLCSTEEDLRCMTASSSGALVSKSCTSAPRDGNPEPRYMAFPLGSINSMGLPNLGFDFY
LKYASDLHDYSKKPLFLSISGLSVEENVAMVRRLAPVAQEKGVLLELNLSCPNVPGKPQVAYDFEAMRTYLQQVSLAYGL
PFGVKMPPYFDIAHFDTAAAVLNEFPLVKFVTCVNSVGNGLVIDAESESVVIKPKQGFGGLGGKYILPTALANVNAFYRR
CPDKLVFGCGGVYSGEDAFLHILAGASMVQVGTALQEEGPGIFTRLEDELLEIMARKGYRTLEEFRGRVKTIE
;
_entity_poly.pdbx_strand_id   A,B
#
loop_
_chem_comp.id
_chem_comp.type
_chem_comp.name
_chem_comp.formula
FMN non-polymer 'FLAVIN MONONUCLEOTIDE' 'C17 H21 N4 O9 P'
GOL non-polymer GLYCEROL 'C3 H8 O3'
HRO non-polymer '5-chloro-2,6-dioxo-1,2,3,6-tetrahydropyrimidine-4-carboxylic acid' 'C5 H3 Cl N2 O4'
NCO non-polymer 'COBALT HEXAMMINE(III)' 'Co H18 N6 3'
#
# COMPACT_ATOMS: atom_id res chain seq x y z
N MET A 1 23.72 9.86 -28.06
CA MET A 1 23.06 8.89 -27.13
C MET A 1 21.51 8.84 -27.35
N CYS A 2 21.01 7.65 -27.68
CA CYS A 2 19.57 7.40 -27.95
C CYS A 2 19.18 6.28 -26.98
N LEU A 3 17.90 6.28 -26.55
CA LEU A 3 17.31 5.36 -25.49
C LEU A 3 16.65 4.14 -26.13
N LYS A 4 16.97 3.81 -27.40
CA LYS A 4 16.21 2.77 -28.09
C LYS A 4 16.57 1.45 -27.49
N LEU A 5 15.62 0.50 -27.47
CA LEU A 5 15.78 -0.86 -27.02
C LEU A 5 14.95 -1.90 -27.78
N ASN A 6 15.31 -3.18 -27.63
CA ASN A 6 14.62 -4.28 -28.25
C ASN A 6 14.18 -5.16 -27.17
N LEU A 7 12.90 -5.53 -27.25
CA LEU A 7 12.29 -6.46 -26.29
C LEU A 7 11.13 -7.21 -26.94
N LEU A 8 10.88 -8.43 -26.56
CA LEU A 8 9.68 -9.14 -27.05
C LEU A 8 9.59 -9.14 -28.60
N ASP A 9 10.74 -9.18 -29.26
CA ASP A 9 10.87 -9.12 -30.73
C ASP A 9 10.27 -7.87 -31.35
N HIS A 10 10.30 -6.79 -30.59
CA HIS A 10 9.95 -5.50 -31.07
C HIS A 10 11.03 -4.53 -30.72
N VAL A 11 11.07 -3.45 -31.52
CA VAL A 11 11.98 -2.34 -31.30
C VAL A 11 11.19 -1.18 -30.69
N PHE A 12 11.78 -0.58 -29.64
CA PHE A 12 11.22 0.59 -29.05
C PHE A 12 12.22 1.74 -29.01
N ALA A 13 11.71 2.94 -29.27
CA ALA A 13 12.55 4.18 -29.34
C ALA A 13 13.04 4.57 -27.93
N ASN A 14 12.27 4.26 -26.91
CA ASN A 14 12.60 4.62 -25.56
C ASN A 14 11.73 3.71 -24.69
N PRO A 15 11.98 3.68 -23.39
CA PRO A 15 11.29 2.68 -22.56
C PRO A 15 9.91 3.18 -22.07
N PHE A 16 9.50 4.36 -22.43
CA PHE A 16 8.29 4.99 -21.93
C PHE A 16 6.98 4.64 -22.61
N MET A 17 5.94 4.41 -21.82
CA MET A 17 4.62 4.22 -22.35
C MET A 17 3.58 4.68 -21.38
N ASN A 18 2.34 4.86 -21.85
CA ASN A 18 1.27 5.08 -20.87
C ASN A 18 1.06 3.88 -20.03
N ALA A 19 0.52 4.10 -18.84
CA ALA A 19 -0.09 3.06 -18.03
C ALA A 19 -1.47 2.70 -18.56
N ALA A 20 -1.86 1.42 -18.58
CA ALA A 20 -3.19 1.13 -19.09
C ALA A 20 -4.30 1.89 -18.32
N GLY A 21 -5.29 2.33 -19.06
CA GLY A 21 -6.37 3.15 -18.52
C GLY A 21 -6.25 4.65 -18.71
N VAL A 22 -5.04 5.13 -18.97
CA VAL A 22 -4.76 6.55 -18.99
C VAL A 22 -4.50 6.92 -20.47
N LEU A 23 -5.30 7.81 -20.99
CA LEU A 23 -5.14 8.31 -22.37
C LEU A 23 -5.16 7.15 -23.43
N CYS A 24 -6.14 6.26 -23.34
CA CYS A 24 -6.15 5.08 -24.19
C CYS A 24 -7.49 4.41 -24.38
N SER A 25 -8.60 5.15 -24.14
CA SER A 25 -9.95 4.54 -24.16
C SER A 25 -10.62 4.65 -25.52
N THR A 26 -10.38 5.74 -26.22
CA THR A 26 -11.03 6.02 -27.46
C THR A 26 -10.00 6.00 -28.64
N GLU A 27 -10.53 6.02 -29.86
CA GLU A 27 -9.69 6.07 -30.99
C GLU A 27 -8.82 7.40 -30.92
N GLU A 28 -9.47 8.50 -30.57
CA GLU A 28 -8.80 9.75 -30.37
C GLU A 28 -7.64 9.61 -29.39
N ASP A 29 -7.91 9.03 -28.25
CA ASP A 29 -6.84 8.82 -27.25
C ASP A 29 -5.68 8.05 -27.84
N LEU A 30 -5.98 6.92 -28.51
CA LEU A 30 -4.95 6.04 -29.00
C LEU A 30 -4.12 6.70 -30.12
N ARG A 31 -4.76 7.48 -30.96
CA ARG A 31 -4.08 8.31 -31.97
C ARG A 31 -3.15 9.35 -31.33
N CYS A 32 -3.59 9.93 -30.23
CA CYS A 32 -2.79 10.92 -29.47
C CYS A 32 -1.55 10.22 -28.85
N MET A 33 -1.74 9.14 -28.10
CA MET A 33 -0.62 8.36 -27.58
C MET A 33 0.35 7.94 -28.73
N THR A 34 -0.21 7.56 -29.87
CA THR A 34 0.65 7.18 -31.04
C THR A 34 1.45 8.39 -31.54
N ALA A 35 0.82 9.55 -31.60
CA ALA A 35 1.49 10.78 -31.97
C ALA A 35 2.56 11.35 -30.99
N SER A 36 2.46 10.95 -29.73
CA SER A 36 3.40 11.36 -28.69
C SER A 36 4.75 10.72 -28.90
N SER A 37 5.69 11.19 -28.09
CA SER A 37 7.02 10.63 -28.18
C SER A 37 7.26 9.40 -27.35
N SER A 38 6.21 8.82 -26.73
CA SER A 38 6.36 7.57 -26.00
C SER A 38 6.91 6.48 -26.90
N GLY A 39 7.62 5.57 -26.28
CA GLY A 39 8.17 4.40 -27.01
C GLY A 39 7.14 3.33 -27.41
N ALA A 40 6.01 3.29 -26.68
CA ALA A 40 4.93 2.35 -26.96
C ALA A 40 3.60 2.89 -26.37
N LEU A 41 2.49 2.16 -26.63
CA LEU A 41 1.21 2.49 -25.95
C LEU A 41 0.50 1.24 -25.57
N VAL A 42 -0.43 1.33 -24.60
CA VAL A 42 -1.27 0.20 -24.25
C VAL A 42 -2.72 0.72 -24.22
N SER A 43 -3.62 -0.12 -24.69
CA SER A 43 -5.02 0.27 -24.68
C SER A 43 -5.64 0.15 -23.29
N LYS A 44 -6.80 0.76 -23.14
CA LYS A 44 -7.62 0.64 -21.93
C LYS A 44 -8.02 -0.80 -21.73
N SER A 45 -7.97 -1.30 -20.47
CA SER A 45 -8.42 -2.68 -20.24
C SER A 45 -9.85 -2.82 -20.75
N CYS A 46 -10.08 -3.92 -21.52
CA CYS A 46 -11.39 -4.12 -22.15
C CYS A 46 -12.08 -5.42 -21.71
N THR A 47 -13.42 -5.36 -21.90
CA THR A 47 -14.31 -6.47 -21.62
C THR A 47 -14.97 -6.87 -22.96
N SER A 48 -15.60 -8.02 -23.00
CA SER A 48 -16.23 -8.49 -24.25
C SER A 48 -17.21 -7.50 -24.75
N ALA A 49 -18.00 -6.92 -23.87
CA ALA A 49 -19.02 -5.94 -24.25
C ALA A 49 -18.63 -4.55 -23.73
N PRO A 50 -19.09 -3.51 -24.41
CA PRO A 50 -18.83 -2.15 -23.89
C PRO A 50 -19.33 -1.97 -22.46
N ARG A 51 -18.74 -1.04 -21.69
CA ARG A 51 -19.13 -0.76 -20.34
C ARG A 51 -19.08 0.74 -20.14
N ASP A 52 -20.09 1.27 -19.40
CA ASP A 52 -20.08 2.66 -19.03
C ASP A 52 -19.23 2.90 -17.78
N GLY A 53 -18.97 1.91 -16.96
CA GLY A 53 -18.12 2.08 -15.80
C GLY A 53 -18.98 2.60 -14.63
N ASN A 54 -18.31 2.98 -13.55
CA ASN A 54 -18.94 3.46 -12.34
C ASN A 54 -19.42 4.93 -12.40
N PRO A 55 -20.33 5.30 -11.43
CA PRO A 55 -20.77 6.69 -11.50
C PRO A 55 -19.70 7.77 -11.16
N GLU A 56 -19.89 8.97 -11.72
CA GLU A 56 -19.02 10.07 -11.51
C GLU A 56 -19.38 10.85 -10.28
N PRO A 57 -18.40 11.46 -9.62
CA PRO A 57 -16.99 11.57 -9.87
C PRO A 57 -16.30 10.25 -9.51
N ARG A 58 -15.42 9.82 -10.40
CA ARG A 58 -14.74 8.53 -10.23
C ARG A 58 -13.20 8.60 -10.35
N TYR A 59 -12.64 9.76 -10.62
CA TYR A 59 -11.20 9.96 -10.59
C TYR A 59 -10.96 11.31 -9.95
N MET A 60 -9.98 11.43 -9.05
CA MET A 60 -9.57 12.71 -8.50
C MET A 60 -8.09 12.71 -8.24
N ALA A 61 -7.46 13.84 -8.57
CA ALA A 61 -6.06 13.99 -8.38
C ALA A 61 -5.68 15.12 -7.41
N PHE A 62 -4.49 14.95 -6.83
CA PHE A 62 -4.03 15.74 -5.68
C PHE A 62 -2.52 15.88 -5.80
N PRO A 63 -1.92 16.80 -5.05
CA PRO A 63 -0.45 16.92 -5.22
C PRO A 63 0.37 15.59 -5.08
N LEU A 64 -0.08 14.71 -4.16
CA LEU A 64 0.64 13.44 -3.92
C LEU A 64 0.11 12.28 -4.77
N GLY A 65 -0.90 12.46 -5.64
CA GLY A 65 -1.27 11.31 -6.50
C GLY A 65 -2.73 11.33 -6.80
N SER A 66 -3.29 10.20 -7.12
CA SER A 66 -4.65 10.12 -7.59
C SER A 66 -5.38 8.94 -6.89
N ILE A 67 -6.70 8.99 -6.93
CA ILE A 67 -7.59 7.90 -6.48
C ILE A 67 -8.58 7.71 -7.60
N ASN A 68 -8.87 6.47 -7.96
CA ASN A 68 -9.84 6.20 -9.05
C ASN A 68 -10.65 4.96 -8.75
N SER A 69 -11.94 5.05 -9.07
CA SER A 69 -12.76 3.83 -9.13
C SER A 69 -13.54 3.87 -10.47
N MET A 70 -12.78 3.83 -11.57
CA MET A 70 -13.43 4.06 -12.85
C MET A 70 -14.54 3.01 -13.14
N GLY A 71 -14.23 1.76 -12.81
CA GLY A 71 -15.17 0.62 -12.99
C GLY A 71 -15.07 0.02 -14.38
N LEU A 72 -13.91 0.10 -14.97
CA LEU A 72 -13.59 -0.58 -16.27
C LEU A 72 -14.51 -0.04 -17.38
N PRO A 73 -14.66 1.24 -17.45
CA PRO A 73 -15.41 1.77 -18.59
C PRO A 73 -14.58 1.59 -19.87
N ASN A 74 -15.15 1.07 -20.95
CA ASN A 74 -14.39 0.86 -22.14
C ASN A 74 -15.38 0.63 -23.31
N LEU A 75 -14.82 0.75 -24.49
CA LEU A 75 -15.59 0.65 -25.72
C LEU A 75 -15.90 -0.78 -26.14
N GLY A 76 -15.37 -1.75 -25.44
CA GLY A 76 -15.60 -3.11 -25.80
C GLY A 76 -14.50 -3.69 -26.61
N PHE A 77 -14.26 -4.99 -26.35
CA PHE A 77 -13.16 -5.70 -27.05
C PHE A 77 -13.20 -5.56 -28.57
N ASP A 78 -14.38 -5.59 -29.17
CA ASP A 78 -14.39 -5.49 -30.63
C ASP A 78 -13.72 -4.22 -31.10
N PHE A 79 -13.96 -3.09 -30.40
CA PHE A 79 -13.31 -1.84 -30.78
C PHE A 79 -11.77 -1.92 -30.69
N TYR A 80 -11.28 -2.40 -29.55
CA TYR A 80 -9.80 -2.42 -29.32
C TYR A 80 -9.09 -3.37 -30.29
N LEU A 81 -9.77 -4.51 -30.57
CA LEU A 81 -9.24 -5.51 -31.57
C LEU A 81 -9.18 -4.86 -32.98
N LYS A 82 -10.23 -4.15 -33.36
CA LYS A 82 -10.27 -3.45 -34.68
C LYS A 82 -9.21 -2.38 -34.74
N TYR A 83 -9.03 -1.67 -33.60
CA TYR A 83 -7.93 -0.75 -33.54
C TYR A 83 -6.58 -1.43 -33.83
N ALA A 84 -6.30 -2.51 -33.12
CA ALA A 84 -5.09 -3.27 -33.33
C ALA A 84 -4.98 -3.82 -34.77
N SER A 85 -6.10 -4.32 -35.29
CA SER A 85 -6.04 -5.02 -36.60
C SER A 85 -5.95 -4.08 -37.79
N ASP A 86 -6.67 -2.94 -37.72
CA ASP A 86 -6.93 -2.09 -38.85
C ASP A 86 -6.44 -0.69 -38.73
N LEU A 87 -6.34 -0.10 -37.52
CA LEU A 87 -6.13 1.31 -37.38
C LEU A 87 -4.74 1.68 -36.90
N HIS A 88 -4.15 0.88 -36.02
CA HIS A 88 -2.88 1.30 -35.44
C HIS A 88 -1.76 1.29 -36.50
N ASP A 89 -0.94 2.34 -36.48
CA ASP A 89 0.25 2.40 -37.29
C ASP A 89 1.47 1.81 -36.60
N TYR A 90 1.78 0.56 -36.91
CA TYR A 90 2.84 -0.16 -36.21
C TYR A 90 4.24 0.35 -36.55
N SER A 91 4.32 1.16 -37.60
CA SER A 91 5.54 1.80 -38.02
C SER A 91 5.92 2.90 -37.03
N LYS A 92 4.94 3.43 -36.29
CA LYS A 92 5.22 4.44 -35.32
C LYS A 92 5.77 3.86 -34.00
N LYS A 93 5.08 2.84 -33.43
CA LYS A 93 5.52 2.21 -32.20
C LYS A 93 4.71 0.98 -31.94
N PRO A 94 5.21 0.07 -31.09
CA PRO A 94 4.43 -1.09 -30.67
C PRO A 94 3.18 -0.77 -29.88
N LEU A 95 2.22 -1.67 -29.99
CA LEU A 95 0.98 -1.59 -29.30
C LEU A 95 0.81 -2.80 -28.41
N PHE A 96 0.39 -2.55 -27.16
CA PHE A 96 -0.08 -3.54 -26.25
C PHE A 96 -1.61 -3.41 -26.12
N LEU A 97 -2.31 -4.51 -26.06
CA LEU A 97 -3.72 -4.49 -25.77
C LEU A 97 -3.98 -5.13 -24.41
N SER A 98 -4.63 -4.39 -23.52
CA SER A 98 -4.97 -4.84 -22.17
C SER A 98 -6.37 -5.45 -22.09
N ILE A 99 -6.44 -6.71 -21.65
CA ILE A 99 -7.80 -7.31 -21.48
C ILE A 99 -8.03 -7.54 -20.01
N SER A 100 -9.27 -7.30 -19.60
CA SER A 100 -9.64 -7.43 -18.24
C SER A 100 -11.05 -8.03 -18.16
N GLY A 101 -11.25 -9.26 -18.67
CA GLY A 101 -12.53 -9.93 -18.49
C GLY A 101 -12.83 -10.18 -17.03
N LEU A 102 -14.13 -10.27 -16.69
CA LEU A 102 -14.57 -10.43 -15.32
C LEU A 102 -14.71 -11.90 -14.86
N SER A 103 -14.24 -12.82 -15.72
CA SER A 103 -14.22 -14.24 -15.44
C SER A 103 -13.16 -14.83 -16.31
N VAL A 104 -12.73 -16.01 -15.96
CA VAL A 104 -11.79 -16.70 -16.78
C VAL A 104 -12.39 -16.96 -18.14
N GLU A 105 -13.66 -17.34 -18.22
CA GLU A 105 -14.30 -17.64 -19.48
C GLU A 105 -14.26 -16.41 -20.40
N GLU A 106 -14.49 -15.24 -19.82
CA GLU A 106 -14.52 -14.02 -20.65
C GLU A 106 -13.12 -13.72 -21.24
N ASN A 107 -12.11 -13.85 -20.41
CA ASN A 107 -10.75 -13.66 -20.89
C ASN A 107 -10.38 -14.67 -22.02
N VAL A 108 -10.74 -15.92 -21.80
CA VAL A 108 -10.46 -16.94 -22.84
C VAL A 108 -11.14 -16.60 -24.15
N ALA A 109 -12.36 -16.13 -24.07
CA ALA A 109 -13.08 -15.77 -25.29
C ALA A 109 -12.36 -14.66 -26.05
N MET A 110 -11.88 -13.64 -25.32
CA MET A 110 -11.16 -12.54 -25.96
C MET A 110 -9.84 -12.98 -26.56
N VAL A 111 -9.05 -13.75 -25.81
CA VAL A 111 -7.75 -14.09 -26.31
C VAL A 111 -7.80 -15.05 -27.51
N ARG A 112 -8.83 -15.86 -27.58
CA ARG A 112 -9.00 -16.66 -28.80
C ARG A 112 -9.15 -15.78 -30.07
N ARG A 113 -9.85 -14.66 -29.98
CA ARG A 113 -9.97 -13.70 -31.10
C ARG A 113 -8.78 -12.75 -31.28
N LEU A 114 -8.02 -12.48 -30.19
CA LEU A 114 -6.84 -11.69 -30.30
C LEU A 114 -5.70 -12.45 -31.04
N ALA A 115 -5.56 -13.74 -30.73
CA ALA A 115 -4.48 -14.55 -31.28
C ALA A 115 -4.15 -14.33 -32.79
N PRO A 116 -5.14 -14.43 -33.68
CA PRO A 116 -4.79 -14.20 -35.10
C PRO A 116 -4.28 -12.81 -35.44
N VAL A 117 -4.80 -11.78 -34.71
CA VAL A 117 -4.34 -10.42 -34.90
C VAL A 117 -2.93 -10.27 -34.31
N ALA A 118 -2.69 -10.86 -33.12
CA ALA A 118 -1.28 -10.93 -32.62
C ALA A 118 -0.30 -11.59 -33.65
N GLN A 119 -0.72 -12.72 -34.23
CA GLN A 119 0.14 -13.40 -35.26
C GLN A 119 0.34 -12.47 -36.45
N GLU A 120 -0.72 -11.82 -36.91
CA GLU A 120 -0.63 -11.01 -38.14
C GLU A 120 0.10 -9.67 -37.92
N LYS A 121 -0.27 -8.99 -36.83
CA LYS A 121 0.23 -7.64 -36.63
C LYS A 121 1.32 -7.46 -35.57
N GLY A 122 1.42 -8.40 -34.63
CA GLY A 122 2.41 -8.29 -33.57
C GLY A 122 1.95 -7.46 -32.35
N VAL A 123 0.65 -7.17 -32.27
CA VAL A 123 0.08 -6.56 -31.03
C VAL A 123 0.38 -7.48 -29.86
N LEU A 124 0.73 -6.88 -28.71
CA LEU A 124 1.10 -7.64 -27.53
C LEU A 124 0.05 -7.65 -26.43
N LEU A 125 -0.27 -8.80 -25.85
CA LEU A 125 -1.28 -8.91 -24.85
C LEU A 125 -0.74 -8.59 -23.43
N GLU A 126 -1.41 -7.67 -22.73
CA GLU A 126 -1.24 -7.47 -21.30
C GLU A 126 -2.52 -7.89 -20.55
N LEU A 127 -2.46 -9.01 -19.84
CA LEU A 127 -3.58 -9.57 -19.15
C LEU A 127 -3.72 -8.93 -17.81
N ASN A 128 -4.83 -8.29 -17.55
CA ASN A 128 -5.00 -7.55 -16.31
C ASN A 128 -5.57 -8.46 -15.20
N LEU A 129 -4.74 -8.79 -14.20
CA LEU A 129 -5.14 -9.60 -13.10
C LEU A 129 -5.33 -8.80 -11.79
N SER A 130 -5.56 -7.48 -11.90
CA SER A 130 -5.44 -6.63 -10.73
C SER A 130 -6.37 -5.41 -10.69
N CYS A 131 -7.44 -5.45 -11.41
CA CYS A 131 -8.47 -4.39 -11.22
C CYS A 131 -9.04 -4.38 -9.79
N PRO A 132 -8.85 -3.25 -9.04
CA PRO A 132 -9.39 -3.20 -7.64
C PRO A 132 -10.72 -2.48 -7.51
N ASN A 133 -11.44 -2.20 -8.61
CA ASN A 133 -12.61 -1.26 -8.56
C ASN A 133 -13.97 -1.76 -9.04
N VAL A 134 -14.07 -3.05 -9.32
CA VAL A 134 -15.39 -3.59 -9.82
C VAL A 134 -16.06 -4.28 -8.60
N PRO A 135 -17.23 -3.77 -8.17
CA PRO A 135 -17.78 -4.31 -6.92
C PRO A 135 -18.09 -5.77 -7.06
N GLY A 136 -17.65 -6.52 -6.05
CA GLY A 136 -17.87 -7.99 -6.01
C GLY A 136 -16.85 -8.83 -6.75
N LYS A 137 -15.89 -8.17 -7.39
CA LYS A 137 -14.86 -8.87 -8.20
C LYS A 137 -13.48 -8.45 -7.64
N PRO A 138 -12.99 -9.10 -6.52
CA PRO A 138 -11.68 -8.76 -5.95
C PRO A 138 -10.55 -9.09 -6.94
N GLN A 139 -9.40 -8.53 -6.68
CA GLN A 139 -8.28 -8.59 -7.53
C GLN A 139 -7.94 -10.08 -7.71
N VAL A 140 -7.93 -10.54 -8.98
CA VAL A 140 -7.62 -11.94 -9.27
C VAL A 140 -6.29 -12.40 -8.65
N ALA A 141 -5.28 -11.57 -8.83
CA ALA A 141 -3.92 -11.99 -8.39
C ALA A 141 -3.71 -11.96 -6.90
N TYR A 142 -4.72 -11.59 -6.13
CA TYR A 142 -4.68 -11.85 -4.69
C TYR A 142 -5.28 -13.21 -4.27
N ASP A 143 -5.75 -13.96 -5.24
CA ASP A 143 -6.15 -15.33 -5.05
C ASP A 143 -5.31 -16.25 -5.92
N PHE A 144 -4.28 -16.82 -5.31
CA PHE A 144 -3.31 -17.51 -6.16
C PHE A 144 -3.84 -18.71 -6.91
N GLU A 145 -4.76 -19.44 -6.30
CA GLU A 145 -5.43 -20.48 -7.08
C GLU A 145 -6.18 -19.95 -8.30
N ALA A 146 -6.91 -18.86 -8.11
CA ALA A 146 -7.60 -18.22 -9.24
C ALA A 146 -6.56 -17.73 -10.31
N MET A 147 -5.47 -17.10 -9.88
CA MET A 147 -4.43 -16.60 -10.80
C MET A 147 -3.86 -17.74 -11.66
N ARG A 148 -3.63 -18.89 -11.01
CA ARG A 148 -3.15 -20.06 -11.71
C ARG A 148 -4.15 -20.54 -12.76
N THR A 149 -5.43 -20.57 -12.42
CA THR A 149 -6.48 -21.04 -13.34
C THR A 149 -6.52 -20.09 -14.50
N TYR A 150 -6.44 -18.77 -14.25
CA TYR A 150 -6.53 -17.80 -15.36
C TYR A 150 -5.36 -17.96 -16.32
N LEU A 151 -4.19 -18.17 -15.75
CA LEU A 151 -3.00 -18.23 -16.55
C LEU A 151 -2.93 -19.55 -17.32
N GLN A 152 -3.38 -20.65 -16.70
CA GLN A 152 -3.47 -21.97 -17.46
C GLN A 152 -4.41 -21.83 -18.65
N GLN A 153 -5.56 -21.26 -18.38
CA GLN A 153 -6.65 -21.18 -19.43
C GLN A 153 -6.27 -20.22 -20.50
N VAL A 154 -5.71 -19.06 -20.14
CA VAL A 154 -5.24 -18.13 -21.21
C VAL A 154 -4.10 -18.65 -21.98
N SER A 155 -3.09 -19.25 -21.32
CA SER A 155 -1.96 -19.79 -22.07
C SER A 155 -2.39 -20.85 -23.11
N LEU A 156 -3.29 -21.70 -22.70
CA LEU A 156 -3.89 -22.75 -23.58
C LEU A 156 -4.70 -22.21 -24.76
N ALA A 157 -5.49 -21.20 -24.49
CA ALA A 157 -6.37 -20.58 -25.50
C ALA A 157 -5.60 -19.63 -26.44
N TYR A 158 -4.55 -18.97 -25.94
CA TYR A 158 -3.84 -17.95 -26.64
C TYR A 158 -2.67 -18.53 -27.42
N GLY A 159 -1.78 -19.29 -26.74
CA GLY A 159 -0.71 -20.02 -27.34
C GLY A 159 0.47 -19.17 -27.74
N LEU A 160 0.47 -17.89 -27.37
CA LEU A 160 1.48 -16.95 -27.82
C LEU A 160 2.01 -16.16 -26.57
N PRO A 161 3.18 -15.56 -26.71
CA PRO A 161 3.78 -14.79 -25.56
C PRO A 161 2.84 -13.68 -25.10
N PHE A 162 2.73 -13.49 -23.79
CA PHE A 162 1.90 -12.42 -23.27
C PHE A 162 2.51 -11.90 -21.98
N GLY A 163 1.87 -10.91 -21.41
CA GLY A 163 2.30 -10.35 -20.13
C GLY A 163 1.16 -10.21 -19.15
N VAL A 164 1.46 -9.87 -17.90
CA VAL A 164 0.42 -9.86 -16.88
C VAL A 164 0.58 -8.54 -16.05
N LYS A 165 -0.50 -7.82 -15.84
CA LYS A 165 -0.53 -6.66 -14.92
C LYS A 165 -0.90 -7.08 -13.49
N MET A 166 0.10 -6.93 -12.60
CA MET A 166 0.03 -7.43 -11.25
C MET A 166 -0.39 -6.34 -10.29
N PRO A 167 -1.04 -6.74 -9.21
CA PRO A 167 -1.32 -5.85 -8.10
C PRO A 167 -0.04 -5.72 -7.30
N PRO A 168 0.06 -4.68 -6.48
CA PRO A 168 1.14 -4.65 -5.48
C PRO A 168 0.98 -5.68 -4.38
N TYR A 169 2.06 -6.27 -3.95
CA TYR A 169 2.04 -7.10 -2.76
C TYR A 169 2.97 -6.41 -1.70
N PHE A 170 2.79 -6.85 -0.45
CA PHE A 170 3.34 -6.21 0.70
C PHE A 170 3.94 -7.18 1.71
N ASP A 171 4.16 -8.40 1.28
CA ASP A 171 4.63 -9.45 2.15
C ASP A 171 5.54 -10.37 1.33
N ILE A 172 6.68 -10.68 1.90
CA ILE A 172 7.71 -11.44 1.21
C ILE A 172 7.14 -12.81 0.82
N ALA A 173 6.34 -13.44 1.64
CA ALA A 173 5.74 -14.76 1.30
C ALA A 173 4.87 -14.66 0.05
N HIS A 174 4.12 -13.55 -0.03
CA HIS A 174 3.30 -13.25 -1.24
C HIS A 174 4.15 -13.02 -2.49
N PHE A 175 5.28 -12.33 -2.41
CA PHE A 175 6.15 -12.16 -3.55
C PHE A 175 6.62 -13.58 -4.01
N ASP A 176 7.04 -14.39 -3.04
CA ASP A 176 7.62 -15.72 -3.34
C ASP A 176 6.53 -16.57 -4.05
N THR A 177 5.31 -16.60 -3.54
CA THR A 177 4.26 -17.44 -4.08
C THR A 177 3.83 -16.90 -5.49
N ALA A 178 3.63 -15.59 -5.58
CA ALA A 178 3.13 -15.00 -6.83
C ALA A 178 4.14 -15.22 -7.94
N ALA A 179 5.44 -15.02 -7.66
CA ALA A 179 6.45 -15.21 -8.70
C ALA A 179 6.54 -16.69 -9.06
N ALA A 180 6.43 -17.57 -8.07
CA ALA A 180 6.48 -19.01 -8.43
C ALA A 180 5.28 -19.42 -9.34
N VAL A 181 4.08 -18.85 -9.09
CA VAL A 181 2.92 -19.09 -9.98
C VAL A 181 3.29 -18.60 -11.37
N LEU A 182 3.77 -17.37 -11.51
CA LEU A 182 4.13 -16.81 -12.83
C LEU A 182 5.13 -17.65 -13.51
N ASN A 183 6.09 -18.13 -12.75
CA ASN A 183 7.15 -18.96 -13.35
C ASN A 183 6.69 -20.36 -13.86
N GLU A 184 5.50 -20.79 -13.49
CA GLU A 184 4.89 -22.01 -14.03
C GLU A 184 4.52 -21.84 -15.51
N PHE A 185 4.45 -20.59 -16.03
CA PHE A 185 3.87 -20.30 -17.37
C PHE A 185 4.94 -19.70 -18.27
N PRO A 186 5.54 -20.50 -19.17
CA PRO A 186 6.59 -19.94 -20.03
C PRO A 186 6.11 -18.95 -21.02
N LEU A 187 4.79 -18.92 -21.32
CA LEU A 187 4.24 -17.88 -22.27
C LEU A 187 4.15 -16.50 -21.58
N VAL A 188 4.27 -16.46 -20.28
CA VAL A 188 4.29 -15.10 -19.59
C VAL A 188 5.67 -14.56 -19.73
N LYS A 189 5.85 -13.61 -20.63
CA LYS A 189 7.18 -13.10 -20.92
C LYS A 189 7.43 -11.75 -20.27
N PHE A 190 6.35 -11.10 -19.80
CA PHE A 190 6.58 -9.81 -19.04
C PHE A 190 5.59 -9.74 -17.91
N VAL A 191 6.01 -9.02 -16.89
CA VAL A 191 5.25 -8.84 -15.69
C VAL A 191 5.25 -7.35 -15.47
N THR A 192 4.06 -6.73 -15.46
CA THR A 192 3.96 -5.27 -15.11
C THR A 192 3.58 -5.02 -13.69
N CYS A 193 4.48 -4.37 -12.97
CA CYS A 193 4.36 -4.15 -11.54
C CYS A 193 4.39 -2.59 -11.40
N VAL A 194 3.35 -1.86 -11.01
CA VAL A 194 2.13 -2.36 -10.35
C VAL A 194 0.93 -1.65 -10.88
N ASN A 195 -0.20 -2.32 -10.70
CA ASN A 195 -1.54 -1.64 -10.70
C ASN A 195 -1.67 -0.76 -9.48
N SER A 196 -2.79 -0.03 -9.39
CA SER A 196 -3.01 0.90 -8.30
C SER A 196 -3.03 0.18 -6.95
N VAL A 197 -2.60 0.89 -5.93
CA VAL A 197 -2.65 0.37 -4.58
C VAL A 197 -4.15 0.40 -4.15
N GLY A 198 -4.74 -0.79 -4.02
CA GLY A 198 -6.17 -0.93 -3.97
C GLY A 198 -6.85 -0.36 -2.77
N ASN A 199 -8.07 0.14 -2.99
CA ASN A 199 -8.96 0.52 -1.94
C ASN A 199 -8.43 1.44 -0.87
N GLY A 200 -7.78 2.55 -1.26
CA GLY A 200 -7.50 3.65 -0.38
C GLY A 200 -8.72 4.52 -0.30
N LEU A 201 -8.63 5.54 0.54
CA LEU A 201 -9.79 6.39 0.79
C LEU A 201 -9.25 7.83 1.00
N VAL A 202 -9.67 8.74 0.12
CA VAL A 202 -9.35 10.14 0.27
C VAL A 202 -10.58 10.87 0.78
N ILE A 203 -10.33 11.72 1.80
CA ILE A 203 -11.37 12.50 2.42
C ILE A 203 -11.01 13.94 2.42
N ASP A 204 -11.95 14.78 1.98
CA ASP A 204 -11.80 16.22 1.97
C ASP A 204 -12.27 16.84 3.37
N ALA A 205 -11.35 17.49 4.06
CA ALA A 205 -11.56 18.04 5.33
C ALA A 205 -12.64 19.10 5.35
N GLU A 206 -12.68 19.99 4.40
CA GLU A 206 -13.65 21.05 4.41
C GLU A 206 -15.09 20.55 4.29
N SER A 207 -15.35 19.67 3.32
CA SER A 207 -16.64 19.12 3.06
C SER A 207 -17.01 17.95 3.92
N GLU A 208 -15.97 17.39 4.57
CA GLU A 208 -16.14 16.17 5.42
C GLU A 208 -16.59 14.95 4.60
N SER A 209 -16.28 14.95 3.31
CA SER A 209 -16.79 13.97 2.36
C SER A 209 -15.68 13.24 1.66
N VAL A 210 -15.94 11.97 1.32
CA VAL A 210 -15.11 11.27 0.35
C VAL A 210 -15.14 12.03 -0.99
N VAL A 211 -14.14 11.80 -1.85
CA VAL A 211 -14.03 12.60 -3.07
C VAL A 211 -14.42 11.83 -4.35
N ILE A 212 -14.62 10.51 -4.28
CA ILE A 212 -15.21 9.81 -5.39
C ILE A 212 -16.50 9.11 -4.91
N LYS A 213 -17.41 8.95 -5.87
CA LYS A 213 -18.74 8.45 -5.62
C LYS A 213 -18.82 6.93 -5.47
N PRO A 214 -18.18 6.17 -6.35
CA PRO A 214 -18.35 4.69 -6.19
C PRO A 214 -17.79 4.12 -4.87
N LYS A 215 -18.34 2.95 -4.47
CA LYS A 215 -17.78 2.20 -3.38
C LYS A 215 -17.53 3.01 -2.14
N GLN A 216 -18.43 3.92 -1.79
CA GLN A 216 -18.32 4.73 -0.59
C GLN A 216 -16.99 5.47 -0.49
N GLY A 217 -16.43 5.79 -1.67
CA GLY A 217 -15.23 6.58 -1.72
C GLY A 217 -13.96 5.78 -1.91
N PHE A 218 -14.00 4.47 -1.83
CA PHE A 218 -12.80 3.60 -1.92
C PHE A 218 -12.35 3.41 -3.33
N GLY A 219 -11.07 3.62 -3.60
CA GLY A 219 -10.52 3.48 -4.94
C GLY A 219 -9.03 3.21 -4.98
N GLY A 220 -8.49 2.88 -6.14
CA GLY A 220 -7.10 2.61 -6.22
C GLY A 220 -6.25 3.87 -6.23
N LEU A 221 -5.11 3.80 -5.57
CA LEU A 221 -4.19 4.94 -5.47
C LEU A 221 -3.04 4.79 -6.47
N GLY A 222 -2.71 5.93 -7.08
CA GLY A 222 -1.55 6.08 -7.97
C GLY A 222 -0.77 7.32 -7.63
N GLY A 223 0.38 7.47 -8.24
CA GLY A 223 1.12 8.69 -8.07
C GLY A 223 2.23 8.63 -7.01
N LYS A 224 2.53 9.78 -6.45
CA LYS A 224 3.67 9.84 -5.46
C LYS A 224 3.47 8.94 -4.27
N TYR A 225 2.26 8.70 -3.87
CA TYR A 225 1.98 7.79 -2.76
C TYR A 225 2.61 6.42 -2.90
N ILE A 226 2.75 5.96 -4.15
CA ILE A 226 2.98 4.57 -4.37
C ILE A 226 4.37 4.23 -4.92
N LEU A 227 5.25 5.21 -5.08
CA LEU A 227 6.57 4.93 -5.70
C LEU A 227 7.39 3.88 -4.97
N PRO A 228 7.54 4.00 -3.63
CA PRO A 228 8.34 2.95 -2.96
C PRO A 228 7.70 1.53 -2.99
N THR A 229 6.39 1.46 -3.01
CA THR A 229 5.70 0.18 -3.18
C THR A 229 5.96 -0.36 -4.60
N ALA A 230 5.90 0.51 -5.59
CA ALA A 230 6.10 0.07 -7.03
C ALA A 230 7.51 -0.43 -7.19
N LEU A 231 8.50 0.32 -6.64
CA LEU A 231 9.89 -0.06 -6.75
C LEU A 231 10.12 -1.43 -6.12
N ALA A 232 9.54 -1.65 -4.94
CA ALA A 232 9.65 -2.93 -4.25
C ALA A 232 9.17 -4.06 -5.11
N ASN A 233 8.01 -3.88 -5.71
CA ASN A 233 7.45 -4.95 -6.47
C ASN A 233 8.27 -5.21 -7.72
N VAL A 234 8.62 -4.17 -8.45
CA VAL A 234 9.48 -4.32 -9.64
C VAL A 234 10.73 -5.11 -9.25
N ASN A 235 11.40 -4.73 -8.18
CA ASN A 235 12.60 -5.46 -7.80
C ASN A 235 12.30 -6.84 -7.34
N ALA A 236 11.22 -7.02 -6.55
CA ALA A 236 10.91 -8.40 -6.09
C ALA A 236 10.74 -9.38 -7.23
N PHE A 237 10.01 -8.96 -8.28
CA PHE A 237 9.73 -9.79 -9.40
C PHE A 237 10.93 -9.87 -10.27
N TYR A 238 11.76 -8.82 -10.28
CA TYR A 238 12.94 -8.86 -11.14
C TYR A 238 13.86 -9.92 -10.55
N ARG A 239 13.92 -9.97 -9.22
CA ARG A 239 14.79 -10.95 -8.53
C ARG A 239 14.26 -12.36 -8.74
N ARG A 240 12.95 -12.55 -8.71
CA ARG A 240 12.40 -13.89 -8.66
C ARG A 240 12.03 -14.46 -10.02
N CYS A 241 12.01 -13.64 -11.08
CA CYS A 241 11.61 -14.12 -12.42
C CYS A 241 12.76 -13.80 -13.33
N PRO A 242 13.83 -14.55 -13.19
CA PRO A 242 15.00 -14.17 -14.00
C PRO A 242 14.87 -14.47 -15.52
N ASP A 243 13.92 -15.27 -15.95
CA ASP A 243 13.72 -15.47 -17.37
C ASP A 243 12.55 -14.68 -17.96
N LYS A 244 12.01 -13.70 -17.22
CA LYS A 244 10.96 -12.84 -17.71
C LYS A 244 11.42 -11.37 -17.64
N LEU A 245 10.72 -10.53 -18.36
CA LEU A 245 10.82 -9.04 -18.23
C LEU A 245 9.90 -8.49 -17.20
N VAL A 246 10.38 -7.46 -16.52
CA VAL A 246 9.57 -6.68 -15.60
C VAL A 246 9.37 -5.27 -16.20
N PHE A 247 8.08 -4.84 -16.32
CA PHE A 247 7.76 -3.49 -16.72
C PHE A 247 7.36 -2.76 -15.44
N GLY A 248 7.90 -1.57 -15.23
CA GLY A 248 7.64 -0.82 -14.01
C GLY A 248 6.44 0.12 -14.28
N CYS A 249 5.60 0.30 -13.27
CA CYS A 249 4.54 1.30 -13.31
C CYS A 249 4.27 1.69 -11.88
N GLY A 250 4.15 2.97 -11.60
CA GLY A 250 3.75 3.51 -10.30
C GLY A 250 4.68 4.64 -9.90
N GLY A 251 4.09 5.79 -9.70
CA GLY A 251 4.84 6.91 -9.15
C GLY A 251 5.84 7.60 -10.06
N VAL A 252 5.78 7.41 -11.41
CA VAL A 252 6.72 8.05 -12.27
C VAL A 252 6.25 9.42 -12.65
N TYR A 253 6.99 10.45 -12.23
CA TYR A 253 6.72 11.86 -12.62
C TYR A 253 7.93 12.51 -13.30
N SER A 254 9.08 11.90 -13.16
CA SER A 254 10.33 12.46 -13.64
C SER A 254 11.25 11.41 -14.24
N GLY A 255 12.32 11.89 -14.86
CA GLY A 255 13.31 10.98 -15.43
C GLY A 255 14.02 10.26 -14.29
N GLU A 256 14.14 10.97 -13.18
CA GLU A 256 14.77 10.36 -12.00
C GLU A 256 13.94 9.19 -11.44
N ASP A 257 12.61 9.35 -11.38
CA ASP A 257 11.74 8.26 -11.00
C ASP A 257 11.85 7.09 -11.96
N ALA A 258 11.94 7.37 -13.29
CA ALA A 258 12.15 6.30 -14.28
C ALA A 258 13.51 5.63 -14.03
N PHE A 259 14.55 6.44 -13.72
CA PHE A 259 15.87 5.89 -13.47
C PHE A 259 15.79 4.88 -12.29
N LEU A 260 15.06 5.20 -11.23
CA LEU A 260 14.95 4.29 -10.10
C LEU A 260 14.21 2.97 -10.51
N HIS A 261 13.12 3.08 -11.28
CA HIS A 261 12.41 1.88 -11.74
C HIS A 261 13.34 0.96 -12.54
N ILE A 262 14.17 1.59 -13.37
CA ILE A 262 15.05 0.83 -14.25
C ILE A 262 16.19 0.20 -13.37
N LEU A 263 16.70 0.97 -12.44
CA LEU A 263 17.67 0.42 -11.48
C LEU A 263 17.09 -0.78 -10.70
N ALA A 264 15.81 -0.73 -10.38
CA ALA A 264 15.12 -1.83 -9.67
C ALA A 264 14.89 -3.06 -10.56
N GLY A 265 14.92 -2.82 -11.86
CA GLY A 265 14.85 -3.90 -12.85
C GLY A 265 13.93 -3.67 -14.03
N ALA A 266 13.30 -2.54 -14.10
CA ALA A 266 12.26 -2.27 -15.13
C ALA A 266 12.87 -2.23 -16.52
N SER A 267 12.20 -2.91 -17.45
CA SER A 267 12.58 -2.81 -18.89
C SER A 267 11.81 -1.67 -19.57
N MET A 268 10.48 -1.68 -19.50
CA MET A 268 9.64 -0.55 -19.92
C MET A 268 9.20 0.13 -18.64
N VAL A 269 8.85 1.40 -18.73
CA VAL A 269 8.38 2.23 -17.64
C VAL A 269 7.08 2.92 -18.07
N GLN A 270 6.03 2.65 -17.35
CA GLN A 270 4.69 3.13 -17.67
C GLN A 270 4.38 4.31 -16.78
N VAL A 271 3.55 5.22 -17.31
CA VAL A 271 3.25 6.51 -16.65
C VAL A 271 1.72 6.69 -16.59
N GLY A 272 1.12 6.64 -15.39
CA GLY A 272 -0.30 6.79 -15.29
C GLY A 272 -0.69 8.18 -14.83
N THR A 273 -0.84 8.34 -13.52
CA THR A 273 -1.29 9.57 -12.90
C THR A 273 -0.58 10.76 -13.52
N ALA A 274 0.76 10.77 -13.58
CA ALA A 274 1.43 11.92 -14.07
C ALA A 274 1.08 12.31 -15.48
N LEU A 275 0.86 11.29 -16.32
CA LEU A 275 0.38 11.47 -17.67
C LEU A 275 -1.07 12.04 -17.66
N GLN A 276 -1.92 11.48 -16.84
CA GLN A 276 -3.29 11.97 -16.78
C GLN A 276 -3.21 13.47 -16.43
N GLU A 277 -2.29 13.86 -15.54
CA GLU A 277 -2.27 15.24 -15.06
C GLU A 277 -1.56 16.17 -16.04
N GLU A 278 -0.46 15.75 -16.63
CA GLU A 278 0.36 16.67 -17.42
C GLU A 278 0.02 16.60 -18.87
N GLY A 279 -0.54 15.47 -19.37
CA GLY A 279 -0.63 15.23 -20.79
C GLY A 279 0.57 14.63 -21.45
N PRO A 280 0.46 14.32 -22.78
CA PRO A 280 1.41 13.57 -23.50
C PRO A 280 2.78 14.24 -23.72
N GLY A 281 2.86 15.55 -23.49
CA GLY A 281 4.12 16.27 -23.51
C GLY A 281 5.03 15.73 -22.46
N ILE A 282 4.46 15.05 -21.46
CA ILE A 282 5.32 14.52 -20.41
C ILE A 282 6.43 13.59 -20.98
N PHE A 283 6.15 12.91 -22.08
CA PHE A 283 7.08 11.92 -22.59
C PHE A 283 8.37 12.58 -23.08
N THR A 284 8.31 13.76 -23.66
CA THR A 284 9.57 14.41 -24.11
C THR A 284 10.39 14.85 -22.90
N ARG A 285 9.74 15.35 -21.87
CA ARG A 285 10.39 15.72 -20.63
C ARG A 285 11.02 14.50 -19.96
N LEU A 286 10.30 13.36 -19.86
CA LEU A 286 10.90 12.22 -19.17
C LEU A 286 12.14 11.71 -19.88
N GLU A 287 12.10 11.74 -21.21
CA GLU A 287 13.18 11.27 -22.01
C GLU A 287 14.38 12.19 -21.78
N ASP A 288 14.12 13.50 -21.76
CA ASP A 288 15.22 14.49 -21.67
C ASP A 288 15.86 14.31 -20.29
N GLU A 289 14.99 14.11 -19.29
CA GLU A 289 15.48 14.01 -17.96
C GLU A 289 16.29 12.73 -17.74
N LEU A 290 15.85 11.60 -18.27
CA LEU A 290 16.53 10.33 -18.09
C LEU A 290 17.88 10.37 -18.80
N LEU A 291 17.87 10.97 -20.00
CA LEU A 291 19.14 11.11 -20.73
C LEU A 291 20.13 11.96 -19.94
N GLU A 292 19.65 12.97 -19.27
CA GLU A 292 20.52 13.90 -18.59
C GLU A 292 21.14 13.17 -17.39
N ILE A 293 20.33 12.36 -16.69
CA ILE A 293 20.84 11.58 -15.52
C ILE A 293 21.90 10.57 -15.98
N MET A 294 21.60 9.91 -17.10
CA MET A 294 22.53 8.94 -17.70
C MET A 294 23.88 9.62 -18.02
N ALA A 295 23.80 10.76 -18.68
CA ALA A 295 25.02 11.52 -19.11
C ALA A 295 25.85 11.90 -17.90
N ARG A 296 25.22 12.44 -16.88
CA ARG A 296 25.93 12.86 -15.69
C ARG A 296 26.61 11.70 -15.00
N LYS A 297 26.06 10.51 -15.10
CA LYS A 297 26.64 9.33 -14.50
C LYS A 297 27.56 8.53 -15.38
N GLY A 298 27.65 8.87 -16.65
CA GLY A 298 28.46 8.08 -17.57
C GLY A 298 27.80 6.83 -18.04
N TYR A 299 26.48 6.74 -18.01
CA TYR A 299 25.86 5.56 -18.58
C TYR A 299 25.55 5.79 -20.05
N ARG A 300 25.88 4.84 -20.93
CA ARG A 300 25.55 4.94 -22.36
C ARG A 300 24.30 4.21 -22.74
N THR A 301 23.91 3.18 -21.97
CA THR A 301 22.85 2.30 -22.33
C THR A 301 22.01 2.08 -21.07
N LEU A 302 20.77 1.67 -21.29
CA LEU A 302 19.96 1.21 -20.17
C LEU A 302 20.41 -0.09 -19.58
N GLU A 303 20.95 -0.98 -20.39
CA GLU A 303 21.37 -2.26 -19.89
C GLU A 303 22.49 -2.12 -18.84
N GLU A 304 23.24 -1.04 -18.93
CA GLU A 304 24.41 -0.87 -18.07
C GLU A 304 23.95 -0.76 -16.63
N PHE A 305 22.71 -0.25 -16.42
CA PHE A 305 22.23 -0.10 -15.02
C PHE A 305 20.93 -0.80 -14.64
N ARG A 306 20.21 -1.37 -15.59
CA ARG A 306 18.97 -2.08 -15.26
C ARG A 306 19.19 -3.15 -14.26
N GLY A 307 18.46 -3.09 -13.15
CA GLY A 307 18.53 -4.12 -12.16
C GLY A 307 19.75 -4.03 -11.30
N ARG A 308 20.46 -2.95 -11.40
CA ARG A 308 21.80 -2.88 -10.73
C ARG A 308 21.74 -1.98 -9.47
N VAL A 309 20.54 -1.86 -8.87
CA VAL A 309 20.36 -1.28 -7.56
C VAL A 309 21.32 -1.98 -6.60
N LYS A 310 22.01 -1.17 -5.82
CA LYS A 310 22.94 -1.69 -4.82
C LYS A 310 22.27 -1.93 -3.49
N THR A 311 22.69 -2.97 -2.80
CA THR A 311 22.26 -3.23 -1.43
C THR A 311 23.41 -2.92 -0.50
N ILE A 312 23.14 -2.85 0.77
CA ILE A 312 24.16 -2.49 1.80
C ILE A 312 24.68 -3.76 2.42
N GLU A 313 25.99 -3.95 2.35
CA GLU A 313 26.65 -5.27 2.67
C GLU A 313 25.97 -6.50 2.09
N MET B 1 -15.08 23.83 24.28
CA MET B 1 -14.50 22.88 23.27
C MET B 1 -13.52 21.93 23.87
N CYS B 2 -13.57 20.68 23.45
CA CYS B 2 -13.10 19.67 24.31
C CYS B 2 -12.52 18.44 23.55
N LEU B 3 -11.26 18.03 23.84
CA LEU B 3 -10.69 16.83 23.19
C LEU B 3 -10.76 15.58 24.06
N LYS B 4 -11.36 15.67 25.24
CA LYS B 4 -11.46 14.53 26.15
C LYS B 4 -12.23 13.35 25.59
N LEU B 5 -11.79 12.17 25.99
CA LEU B 5 -12.49 10.94 25.70
C LEU B 5 -12.50 10.06 26.91
N ASN B 6 -13.50 9.18 26.94
CA ASN B 6 -13.63 8.17 27.98
C ASN B 6 -13.87 6.91 27.20
N LEU B 7 -12.91 6.01 27.24
CA LEU B 7 -13.17 4.72 26.69
C LEU B 7 -12.33 3.66 27.34
N LEU B 8 -12.75 2.42 27.13
CA LEU B 8 -12.15 1.27 27.73
C LEU B 8 -12.02 1.47 29.25
N ASP B 9 -12.94 2.18 29.89
CA ASP B 9 -12.85 2.39 31.35
C ASP B 9 -11.66 3.27 31.82
N HIS B 10 -11.15 4.11 30.92
CA HIS B 10 -10.11 5.07 31.21
C HIS B 10 -10.53 6.43 30.69
N VAL B 11 -9.89 7.44 31.19
CA VAL B 11 -10.13 8.78 30.75
C VAL B 11 -8.87 9.29 30.07
N PHE B 12 -9.09 9.97 28.96
CA PHE B 12 -7.98 10.53 28.12
C PHE B 12 -8.21 12.00 27.96
N ALA B 13 -7.15 12.76 28.15
CA ALA B 13 -7.20 14.20 27.96
C ALA B 13 -7.43 14.60 26.49
N ASN B 14 -6.97 13.74 25.56
CA ASN B 14 -7.07 14.00 24.14
C ASN B 14 -6.79 12.71 23.44
N PRO B 15 -7.06 12.62 22.15
CA PRO B 15 -6.97 11.32 21.44
C PRO B 15 -5.54 10.90 21.01
N PHE B 16 -4.53 11.75 21.19
CA PHE B 16 -3.21 11.50 20.60
C PHE B 16 -2.36 10.64 21.48
N MET B 17 -1.64 9.77 20.82
CA MET B 17 -0.57 9.00 21.49
C MET B 17 0.48 8.65 20.45
N ASN B 18 1.63 8.15 20.90
CA ASN B 18 2.58 7.59 19.93
C ASN B 18 2.05 6.34 19.30
N ALA B 19 2.56 6.06 18.08
CA ALA B 19 2.45 4.77 17.48
C ALA B 19 3.48 3.82 18.12
N ALA B 20 3.11 2.55 18.29
CA ALA B 20 4.06 1.60 18.85
C ALA B 20 5.37 1.60 18.09
N GLY B 21 6.45 1.57 18.84
CA GLY B 21 7.75 1.55 18.25
C GLY B 21 8.47 2.88 18.25
N VAL B 22 7.73 3.97 18.29
CA VAL B 22 8.30 5.31 18.22
C VAL B 22 8.32 5.94 19.60
N LEU B 23 9.51 6.32 20.05
CA LEU B 23 9.71 6.97 21.33
C LEU B 23 9.11 6.18 22.54
N CYS B 24 9.44 4.90 22.59
CA CYS B 24 8.88 4.06 23.61
C CYS B 24 9.64 2.79 23.93
N SER B 25 10.95 2.73 23.64
CA SER B 25 11.67 1.47 23.85
C SER B 25 12.37 1.44 25.22
N THR B 26 12.86 2.55 25.66
CA THR B 26 13.59 2.61 26.95
C THR B 26 12.75 3.29 28.06
N GLU B 27 13.23 3.18 29.30
CA GLU B 27 12.61 3.88 30.38
C GLU B 27 12.60 5.42 30.15
N GLU B 28 13.74 5.92 29.60
CA GLU B 28 13.84 7.28 29.21
C GLU B 28 12.76 7.68 28.21
N ASP B 29 12.63 6.90 27.19
CA ASP B 29 11.60 7.19 26.08
C ASP B 29 10.20 7.25 26.77
N LEU B 30 9.89 6.25 27.61
CA LEU B 30 8.56 6.14 28.23
C LEU B 30 8.28 7.30 29.16
N ARG B 31 9.25 7.72 29.96
CA ARG B 31 9.13 8.93 30.79
C ARG B 31 8.88 10.19 29.93
N CYS B 32 9.53 10.26 28.83
CA CYS B 32 9.41 11.39 27.88
C CYS B 32 8.01 11.44 27.32
N MET B 33 7.53 10.32 26.78
CA MET B 33 6.13 10.25 26.29
C MET B 33 5.19 10.55 27.46
N THR B 34 5.48 10.08 28.65
CA THR B 34 4.58 10.40 29.76
C THR B 34 4.53 11.92 30.06
N ALA B 35 5.72 12.56 30.01
CA ALA B 35 5.87 14.00 30.23
C ALA B 35 5.28 14.88 29.12
N SER B 36 5.00 14.28 27.97
CA SER B 36 4.44 15.02 26.85
C SER B 36 2.97 15.31 27.02
N SER B 37 2.43 16.09 26.08
CA SER B 37 0.99 16.44 26.09
C SER B 37 0.09 15.37 25.50
N SER B 38 0.64 14.19 25.09
CA SER B 38 -0.19 13.13 24.55
C SER B 38 -1.22 12.68 25.55
N GLY B 39 -2.35 12.20 25.04
CA GLY B 39 -3.42 11.62 25.84
C GLY B 39 -3.09 10.26 26.42
N ALA B 40 -2.20 9.51 25.76
CA ALA B 40 -1.80 8.20 26.21
C ALA B 40 -0.42 7.86 25.58
N LEU B 41 0.11 6.71 25.92
CA LEU B 41 1.30 6.18 25.31
C LEU B 41 1.24 4.67 25.20
N VAL B 42 2.00 4.12 24.27
CA VAL B 42 2.15 2.68 24.05
C VAL B 42 3.61 2.28 24.06
N SER B 43 3.94 1.14 24.65
CA SER B 43 5.35 0.70 24.71
C SER B 43 5.73 0.04 23.36
N LYS B 44 7.03 -0.06 23.14
CA LYS B 44 7.60 -0.77 22.05
C LYS B 44 7.09 -2.20 22.03
N SER B 45 6.77 -2.73 20.86
CA SER B 45 6.42 -4.20 20.73
C SER B 45 7.51 -4.99 21.35
N CYS B 46 7.14 -5.92 22.27
CA CYS B 46 8.14 -6.71 22.96
C CYS B 46 8.01 -8.21 22.73
N THR B 47 9.16 -8.86 22.91
CA THR B 47 9.29 -10.30 22.87
C THR B 47 9.68 -10.79 24.25
N SER B 48 9.59 -12.11 24.50
CA SER B 48 9.84 -12.62 25.87
C SER B 48 11.28 -12.28 26.27
N ALA B 49 12.19 -12.47 25.32
CA ALA B 49 13.58 -12.09 25.54
C ALA B 49 13.97 -10.79 24.86
N PRO B 50 15.01 -10.08 25.40
CA PRO B 50 15.49 -8.82 24.75
C PRO B 50 15.93 -9.17 23.35
N ARG B 51 15.89 -8.20 22.42
CA ARG B 51 16.36 -8.33 21.05
C ARG B 51 17.15 -7.13 20.65
N ASP B 52 18.24 -7.36 19.93
CA ASP B 52 19.00 -6.23 19.41
C ASP B 52 18.39 -5.65 18.14
N GLY B 53 17.63 -6.45 17.42
CA GLY B 53 17.08 -6.05 16.17
C GLY B 53 18.06 -6.25 15.04
N ASN B 54 17.64 -5.70 13.92
CA ASN B 54 18.41 -5.74 12.65
C ASN B 54 19.60 -4.81 12.59
N PRO B 55 20.52 -5.07 11.66
CA PRO B 55 21.62 -4.14 11.53
C PRO B 55 21.24 -2.73 10.98
N GLU B 56 22.00 -1.72 11.40
CA GLU B 56 21.89 -0.36 10.91
C GLU B 56 22.61 -0.07 9.60
N PRO B 57 22.09 0.87 8.79
CA PRO B 57 20.90 1.71 8.97
C PRO B 57 19.60 0.90 8.78
N ARG B 58 18.66 1.07 9.69
CA ARG B 58 17.42 0.30 9.65
C ARG B 58 16.18 1.19 9.71
N TYR B 59 16.32 2.51 9.82
CA TYR B 59 15.24 3.47 9.66
C TYR B 59 15.77 4.65 8.85
N MET B 60 14.96 5.16 7.95
CA MET B 60 15.25 6.39 7.28
C MET B 60 14.00 7.12 6.96
N ALA B 61 14.15 8.43 7.04
CA ALA B 61 13.00 9.33 6.77
C ALA B 61 13.31 10.36 5.64
N PHE B 62 12.24 10.75 5.00
CA PHE B 62 12.24 11.58 3.79
C PHE B 62 11.03 12.52 3.87
N PRO B 63 10.93 13.44 2.92
CA PRO B 63 9.78 14.35 2.93
C PRO B 63 8.39 13.72 2.99
N LEU B 64 8.27 12.60 2.24
CA LEU B 64 7.00 11.91 2.13
C LEU B 64 6.79 10.79 3.13
N GLY B 65 7.79 10.49 3.94
CA GLY B 65 7.55 9.47 4.96
C GLY B 65 8.79 8.74 5.41
N SER B 66 8.64 7.49 5.78
CA SER B 66 9.74 6.75 6.38
C SER B 66 9.71 5.31 5.88
N ILE B 67 10.86 4.64 5.97
CA ILE B 67 10.97 3.23 5.70
C ILE B 67 11.74 2.61 6.87
N ASN B 68 11.32 1.46 7.37
CA ASN B 68 12.01 0.83 8.50
C ASN B 68 12.00 -0.68 8.38
N SER B 69 13.12 -1.28 8.81
CA SER B 69 13.17 -2.66 9.11
C SER B 69 13.94 -2.85 10.40
N MET B 70 13.34 -2.38 11.48
CA MET B 70 14.03 -2.37 12.75
C MET B 70 14.37 -3.75 13.24
N GLY B 71 13.48 -4.73 13.00
CA GLY B 71 13.71 -6.12 13.47
C GLY B 71 13.30 -6.38 14.91
N LEU B 72 12.34 -5.61 15.41
CA LEU B 72 11.75 -5.82 16.71
C LEU B 72 12.87 -5.75 17.81
N PRO B 73 13.68 -4.67 17.77
CA PRO B 73 14.60 -4.43 18.89
C PRO B 73 13.81 -4.01 20.10
N ASN B 74 14.09 -4.64 21.21
CA ASN B 74 13.36 -4.23 22.45
C ASN B 74 14.04 -4.76 23.66
N LEU B 75 13.67 -4.19 24.82
CA LEU B 75 14.37 -4.54 26.08
C LEU B 75 13.85 -5.84 26.75
N GLY B 76 12.89 -6.47 26.11
CA GLY B 76 12.27 -7.72 26.61
C GLY B 76 11.06 -7.44 27.49
N PHE B 77 10.14 -8.41 27.47
CA PHE B 77 8.91 -8.34 28.22
C PHE B 77 9.13 -8.08 29.64
N ASP B 78 10.18 -8.65 30.28
CA ASP B 78 10.27 -8.40 31.69
C ASP B 78 10.35 -6.93 32.05
N PHE B 79 11.08 -6.19 31.24
CA PHE B 79 11.22 -4.77 31.44
C PHE B 79 9.92 -3.99 31.23
N TYR B 80 9.19 -4.28 30.15
CA TYR B 80 7.96 -3.50 29.89
C TYR B 80 6.88 -3.84 30.94
N LEU B 81 6.81 -5.12 31.38
CA LEU B 81 5.97 -5.52 32.50
C LEU B 81 6.32 -4.80 33.77
N LYS B 82 7.62 -4.67 34.08
CA LYS B 82 8.04 -3.91 35.23
C LYS B 82 7.72 -2.47 35.11
N TYR B 83 7.88 -1.93 33.91
CA TYR B 83 7.51 -0.52 33.73
C TYR B 83 6.01 -0.34 34.08
N ALA B 84 5.15 -1.20 33.53
CA ALA B 84 3.74 -1.11 33.77
C ALA B 84 3.41 -1.30 35.29
N SER B 85 4.12 -2.21 35.96
CA SER B 85 3.75 -2.59 37.31
C SER B 85 4.26 -1.56 38.33
N ASP B 86 5.46 -1.04 38.11
CA ASP B 86 6.18 -0.32 39.18
C ASP B 86 6.54 1.07 38.83
N LEU B 87 6.64 1.41 37.52
CA LEU B 87 7.27 2.68 37.19
C LEU B 87 6.32 3.73 36.60
N HIS B 88 5.36 3.24 35.84
CA HIS B 88 4.47 4.16 35.12
C HIS B 88 3.59 4.96 36.09
N ASP B 89 3.50 6.25 35.88
CA ASP B 89 2.57 7.07 36.65
C ASP B 89 1.19 7.18 35.93
N TYR B 90 0.29 6.34 36.35
CA TYR B 90 -1.06 6.22 35.75
C TYR B 90 -1.86 7.50 36.08
N SER B 91 -1.44 8.29 37.03
CA SER B 91 -2.11 9.61 37.27
C SER B 91 -1.89 10.58 36.12
N LYS B 92 -0.82 10.36 35.32
CA LYS B 92 -0.54 11.23 34.20
C LYS B 92 -1.43 10.89 33.00
N LYS B 93 -1.42 9.63 32.62
CA LYS B 93 -2.16 9.18 31.44
C LYS B 93 -2.14 7.66 31.37
N PRO B 94 -3.09 7.09 30.60
CA PRO B 94 -3.10 5.62 30.37
C PRO B 94 -1.98 5.11 29.58
N LEU B 95 -1.61 3.87 29.89
CA LEU B 95 -0.55 3.09 29.25
C LEU B 95 -1.09 1.86 28.55
N PHE B 96 -0.66 1.70 27.30
CA PHE B 96 -0.80 0.53 26.55
C PHE B 96 0.55 -0.17 26.43
N LEU B 97 0.50 -1.49 26.40
CA LEU B 97 1.66 -2.32 26.32
C LEU B 97 1.49 -3.17 25.04
N SER B 98 2.45 -3.06 24.12
CA SER B 98 2.38 -3.80 22.84
C SER B 98 3.17 -5.05 22.95
N ILE B 99 2.54 -6.17 22.64
CA ILE B 99 3.26 -7.44 22.65
C ILE B 99 3.32 -8.01 21.29
N SER B 100 4.49 -8.53 20.90
CA SER B 100 4.74 -9.04 19.57
C SER B 100 5.63 -10.29 19.58
N GLY B 101 5.09 -11.32 20.25
CA GLY B 101 5.74 -12.61 20.21
C GLY B 101 5.83 -13.18 18.81
N LEU B 102 6.86 -13.97 18.54
CA LEU B 102 7.15 -14.51 17.23
C LEU B 102 6.41 -15.88 16.95
N SER B 103 5.53 -16.27 17.85
CA SER B 103 4.73 -17.53 17.76
C SER B 103 3.58 -17.31 18.65
N VAL B 104 2.54 -18.12 18.46
CA VAL B 104 1.43 -18.05 19.37
C VAL B 104 1.80 -18.38 20.79
N GLU B 105 2.69 -19.34 20.94
CA GLU B 105 3.12 -19.78 22.24
C GLU B 105 3.78 -18.69 23.04
N GLU B 106 4.66 -17.94 22.38
CA GLU B 106 5.36 -16.81 23.04
C GLU B 106 4.37 -15.74 23.44
N ASN B 107 3.35 -15.45 22.59
CA ASN B 107 2.35 -14.49 23.03
C ASN B 107 1.55 -14.94 24.26
N VAL B 108 1.09 -16.19 24.25
CA VAL B 108 0.35 -16.74 25.36
C VAL B 108 1.22 -16.66 26.63
N ALA B 109 2.49 -17.01 26.56
CA ALA B 109 3.37 -16.96 27.74
C ALA B 109 3.41 -15.55 28.32
N MET B 110 3.43 -14.55 27.42
CA MET B 110 3.44 -13.19 27.86
C MET B 110 2.16 -12.75 28.43
N VAL B 111 1.04 -12.97 27.71
CA VAL B 111 -0.20 -12.46 28.27
C VAL B 111 -0.63 -13.10 29.61
N ARG B 112 -0.21 -14.35 29.82
CA ARG B 112 -0.46 -14.98 31.14
C ARG B 112 0.12 -14.19 32.30
N ARG B 113 1.31 -13.64 32.07
CA ARG B 113 2.00 -12.77 33.04
C ARG B 113 1.54 -11.34 33.12
N LEU B 114 1.05 -10.82 31.99
CA LEU B 114 0.47 -9.54 31.96
C LEU B 114 -0.85 -9.42 32.70
N ALA B 115 -1.67 -10.48 32.64
CA ALA B 115 -3.02 -10.39 33.16
C ALA B 115 -3.18 -9.83 34.59
N PRO B 116 -2.37 -10.34 35.52
CA PRO B 116 -2.51 -9.81 36.88
C PRO B 116 -2.14 -8.33 36.97
N VAL B 117 -1.19 -7.92 36.13
CA VAL B 117 -0.80 -6.48 36.11
C VAL B 117 -1.88 -5.62 35.44
N ALA B 118 -2.49 -6.13 34.39
CA ALA B 118 -3.61 -5.42 33.77
C ALA B 118 -4.77 -5.25 34.75
N GLN B 119 -5.06 -6.31 35.52
CA GLN B 119 -6.09 -6.23 36.56
C GLN B 119 -5.80 -5.23 37.65
N GLU B 120 -4.60 -5.27 38.16
CA GLU B 120 -4.21 -4.40 39.24
C GLU B 120 -4.11 -2.93 38.83
N LYS B 121 -3.40 -2.70 37.72
CA LYS B 121 -3.00 -1.30 37.32
C LYS B 121 -3.83 -0.67 36.18
N GLY B 122 -4.39 -1.49 35.39
CA GLY B 122 -5.23 -1.02 34.29
C GLY B 122 -4.40 -0.81 33.00
N VAL B 123 -3.16 -1.27 32.94
CA VAL B 123 -2.48 -1.31 31.65
C VAL B 123 -3.29 -2.06 30.60
N LEU B 124 -3.31 -1.52 29.37
CA LEU B 124 -4.06 -2.09 28.24
C LEU B 124 -3.21 -2.75 27.24
N LEU B 125 -3.58 -3.97 26.85
CA LEU B 125 -2.80 -4.75 25.88
C LEU B 125 -3.12 -4.41 24.42
N GLU B 126 -2.08 -4.08 23.65
CA GLU B 126 -2.19 -4.07 22.18
C GLU B 126 -1.42 -5.26 21.63
N LEU B 127 -2.13 -6.17 20.96
CA LEU B 127 -1.49 -7.33 20.46
C LEU B 127 -1.09 -7.10 19.02
N ASN B 128 0.21 -7.19 18.75
CA ASN B 128 0.69 -6.87 17.38
C ASN B 128 0.66 -8.06 16.48
N LEU B 129 -0.32 -8.09 15.56
CA LEU B 129 -0.40 -9.11 14.53
C LEU B 129 0.13 -8.72 13.16
N SER B 130 0.93 -7.67 13.09
CA SER B 130 1.37 -7.15 11.83
C SER B 130 2.84 -6.77 11.69
N CYS B 131 3.71 -7.27 12.49
CA CYS B 131 5.11 -6.86 12.11
C CYS B 131 5.61 -7.23 10.64
N PRO B 132 6.02 -6.24 9.74
CA PRO B 132 6.39 -6.78 8.36
C PRO B 132 7.88 -7.05 8.07
N ASN B 133 8.73 -6.95 9.15
CA ASN B 133 10.26 -6.81 9.13
C ASN B 133 11.21 -7.88 9.78
N VAL B 134 10.62 -9.00 10.18
CA VAL B 134 11.45 -10.09 10.75
C VAL B 134 11.49 -11.18 9.61
N PRO B 135 12.68 -11.39 9.00
CA PRO B 135 12.86 -12.43 7.95
C PRO B 135 12.24 -13.81 8.29
N GLY B 136 11.57 -14.38 7.31
CA GLY B 136 10.94 -15.64 7.47
C GLY B 136 9.67 -15.62 8.32
N LYS B 137 9.12 -14.44 8.58
CA LYS B 137 7.90 -14.36 9.43
C LYS B 137 6.81 -13.39 8.88
N PRO B 138 6.12 -13.76 7.70
CA PRO B 138 4.98 -12.94 7.25
C PRO B 138 4.03 -12.50 8.32
N GLN B 139 3.31 -11.49 7.94
CA GLN B 139 2.46 -10.82 8.87
C GLN B 139 1.45 -11.86 9.31
N VAL B 140 1.24 -12.05 10.61
CA VAL B 140 0.25 -13.03 11.07
C VAL B 140 -1.13 -12.66 10.52
N ALA B 141 -1.49 -11.38 10.52
CA ALA B 141 -2.85 -11.00 10.08
C ALA B 141 -3.04 -11.07 8.56
N TYR B 142 -2.03 -11.45 7.79
CA TYR B 142 -2.31 -11.79 6.45
C TYR B 142 -2.59 -13.28 6.19
N ASP B 143 -2.57 -14.06 7.25
CA ASP B 143 -2.99 -15.48 7.20
C ASP B 143 -4.15 -15.59 8.17
N PHE B 144 -5.37 -15.62 7.62
CA PHE B 144 -6.52 -15.49 8.48
C PHE B 144 -6.72 -16.65 9.43
N GLU B 145 -6.26 -17.85 9.08
CA GLU B 145 -6.33 -18.99 10.00
C GLU B 145 -5.36 -18.81 11.16
N ALA B 146 -4.15 -18.34 10.84
CA ALA B 146 -3.18 -18.05 11.90
C ALA B 146 -3.74 -16.96 12.87
N MET B 147 -4.37 -15.92 12.28
CA MET B 147 -4.94 -14.83 13.03
C MET B 147 -5.97 -15.32 14.04
N ARG B 148 -6.88 -16.17 13.56
CA ARG B 148 -7.89 -16.76 14.38
C ARG B 148 -7.28 -17.57 15.57
N THR B 149 -6.31 -18.39 15.27
CA THR B 149 -5.54 -19.17 16.31
C THR B 149 -4.92 -18.28 17.35
N TYR B 150 -4.23 -17.21 16.91
CA TYR B 150 -3.64 -16.28 17.84
C TYR B 150 -4.70 -15.66 18.73
N LEU B 151 -5.82 -15.20 18.15
CA LEU B 151 -6.83 -14.60 18.93
C LEU B 151 -7.56 -15.54 19.87
N GLN B 152 -7.79 -16.76 19.42
CA GLN B 152 -8.38 -17.79 20.30
C GLN B 152 -7.48 -18.05 21.49
N GLN B 153 -6.21 -18.28 21.20
CA GLN B 153 -5.26 -18.63 22.29
C GLN B 153 -4.99 -17.48 23.24
N VAL B 154 -4.87 -16.31 22.67
CA VAL B 154 -4.73 -15.13 23.52
C VAL B 154 -5.98 -14.80 24.35
N SER B 155 -7.18 -14.81 23.73
CA SER B 155 -8.38 -14.60 24.48
C SER B 155 -8.44 -15.56 25.67
N LEU B 156 -8.12 -16.82 25.40
CA LEU B 156 -8.29 -17.89 26.44
C LEU B 156 -7.28 -17.67 27.58
N ALA B 157 -6.06 -17.35 27.17
CA ALA B 157 -4.97 -17.19 28.14
C ALA B 157 -5.03 -15.88 28.89
N TYR B 158 -5.52 -14.80 28.27
CA TYR B 158 -5.57 -13.51 28.91
C TYR B 158 -6.86 -13.22 29.66
N GLY B 159 -7.98 -13.41 28.96
CA GLY B 159 -9.29 -13.38 29.58
C GLY B 159 -9.70 -11.99 29.89
N LEU B 160 -9.03 -10.98 29.35
CA LEU B 160 -9.37 -9.59 29.63
C LEU B 160 -9.49 -8.79 28.29
N PRO B 161 -10.17 -7.65 28.30
CA PRO B 161 -10.25 -6.78 27.07
C PRO B 161 -8.88 -6.42 26.55
N PHE B 162 -8.72 -6.53 25.24
CA PHE B 162 -7.45 -6.13 24.65
C PHE B 162 -7.72 -5.60 23.25
N GLY B 163 -6.68 -5.12 22.58
CA GLY B 163 -6.80 -4.68 21.21
C GLY B 163 -5.74 -5.27 20.29
N VAL B 164 -5.89 -5.04 19.00
CA VAL B 164 -5.01 -5.67 18.04
C VAL B 164 -4.48 -4.62 17.10
N LYS B 165 -3.21 -4.72 16.75
CA LYS B 165 -2.65 -3.87 15.74
C LYS B 165 -2.62 -4.62 14.39
N MET B 166 -3.36 -4.07 13.41
CA MET B 166 -3.64 -4.70 12.14
C MET B 166 -2.76 -4.13 11.03
N PRO B 167 -2.40 -4.95 10.05
CA PRO B 167 -1.71 -4.45 8.88
C PRO B 167 -2.76 -3.76 7.99
N PRO B 168 -2.31 -2.96 6.99
CA PRO B 168 -3.27 -2.45 6.01
C PRO B 168 -3.70 -3.58 5.04
N TYR B 169 -4.96 -3.59 4.60
CA TYR B 169 -5.42 -4.41 3.51
C TYR B 169 -5.81 -3.48 2.36
N PHE B 170 -5.91 -4.08 1.21
CA PHE B 170 -6.09 -3.43 -0.04
C PHE B 170 -7.13 -4.01 -0.94
N ASP B 171 -7.99 -4.87 -0.37
CA ASP B 171 -8.97 -5.68 -1.11
C ASP B 171 -10.21 -5.78 -0.23
N ILE B 172 -11.37 -5.44 -0.79
CA ILE B 172 -12.62 -5.43 -0.03
C ILE B 172 -12.91 -6.81 0.61
N ALA B 173 -12.61 -7.90 -0.10
CA ALA B 173 -12.80 -9.24 0.46
C ALA B 173 -11.94 -9.47 1.70
N HIS B 174 -10.75 -8.89 1.73
CA HIS B 174 -9.86 -8.97 2.89
C HIS B 174 -10.41 -8.16 4.04
N PHE B 175 -10.94 -6.97 3.78
CA PHE B 175 -11.60 -6.23 4.86
C PHE B 175 -12.72 -7.11 5.47
N ASP B 176 -13.56 -7.65 4.57
CA ASP B 176 -14.71 -8.45 4.97
C ASP B 176 -14.26 -9.60 5.84
N THR B 177 -13.30 -10.36 5.41
CA THR B 177 -12.83 -11.52 6.15
C THR B 177 -12.12 -11.20 7.46
N ALA B 178 -11.24 -10.21 7.47
CA ALA B 178 -10.51 -9.85 8.67
C ALA B 178 -11.45 -9.31 9.74
N ALA B 179 -12.39 -8.47 9.34
CA ALA B 179 -13.30 -7.87 10.33
C ALA B 179 -14.15 -8.99 10.90
N ALA B 180 -14.52 -9.94 10.04
CA ALA B 180 -15.36 -11.08 10.50
C ALA B 180 -14.59 -11.94 11.52
N VAL B 181 -13.31 -12.18 11.22
CA VAL B 181 -12.44 -12.83 12.24
C VAL B 181 -12.44 -12.11 13.57
N LEU B 182 -12.15 -10.83 13.53
CA LEU B 182 -12.19 -10.06 14.72
C LEU B 182 -13.48 -10.09 15.48
N ASN B 183 -14.61 -10.04 14.77
CA ASN B 183 -15.89 -10.03 15.42
C ASN B 183 -16.23 -11.39 16.08
N GLU B 184 -15.43 -12.42 15.85
CA GLU B 184 -15.59 -13.67 16.62
C GLU B 184 -15.13 -13.55 18.05
N PHE B 185 -14.38 -12.48 18.38
CA PHE B 185 -13.73 -12.38 19.66
C PHE B 185 -14.22 -11.20 20.44
N PRO B 186 -15.15 -11.41 21.36
CA PRO B 186 -15.62 -10.33 22.18
C PRO B 186 -14.63 -9.59 23.08
N LEU B 187 -13.52 -10.19 23.42
CA LEU B 187 -12.54 -9.50 24.26
C LEU B 187 -11.73 -8.48 23.41
N VAL B 188 -11.81 -8.56 22.10
CA VAL B 188 -11.09 -7.55 21.24
C VAL B 188 -11.91 -6.34 21.22
N LYS B 189 -11.55 -5.37 22.00
CA LYS B 189 -12.35 -4.16 22.17
C LYS B 189 -11.94 -3.01 21.32
N PHE B 190 -10.67 -3.06 20.84
CA PHE B 190 -10.19 -2.04 19.92
C PHE B 190 -9.29 -2.63 18.80
N VAL B 191 -9.27 -1.91 17.68
CA VAL B 191 -8.57 -2.40 16.50
C VAL B 191 -7.78 -1.19 16.05
N THR B 192 -6.45 -1.30 16.06
CA THR B 192 -5.59 -0.24 15.57
C THR B 192 -5.17 -0.44 14.11
N CYS B 193 -5.63 0.51 13.27
CA CYS B 193 -5.44 0.45 11.83
C CYS B 193 -4.67 1.72 11.49
N VAL B 194 -3.38 1.68 11.04
CA VAL B 194 -2.65 0.56 10.51
C VAL B 194 -1.19 0.51 10.94
N ASN B 195 -0.63 -0.68 10.95
CA ASN B 195 0.85 -0.88 10.86
C ASN B 195 1.39 -0.33 9.53
N SER B 196 2.69 -0.41 9.38
CA SER B 196 3.33 0.14 8.18
C SER B 196 2.88 -0.62 6.93
N VAL B 197 2.94 0.07 5.81
CA VAL B 197 2.63 -0.55 4.54
C VAL B 197 3.87 -1.41 4.19
N GLY B 198 3.73 -2.71 4.24
CA GLY B 198 4.85 -3.61 4.24
C GLY B 198 5.71 -3.66 3.01
N ASN B 199 6.97 -3.84 3.25
CA ASN B 199 7.93 -4.22 2.21
C ASN B 199 7.96 -3.30 1.00
N GLY B 200 7.92 -2.02 1.27
CA GLY B 200 8.34 -1.05 0.25
C GLY B 200 9.82 -0.98 0.06
N LEU B 201 10.26 -0.18 -0.93
CA LEU B 201 11.70 -0.13 -1.26
C LEU B 201 12.08 1.26 -1.68
N VAL B 202 12.84 1.98 -0.81
CA VAL B 202 13.28 3.33 -1.16
C VAL B 202 14.71 3.18 -1.73
N ILE B 203 14.93 3.84 -2.87
CA ILE B 203 16.22 3.84 -3.59
C ILE B 203 16.74 5.25 -3.75
N ASP B 204 18.02 5.46 -3.41
CA ASP B 204 18.67 6.77 -3.61
C ASP B 204 19.32 6.86 -5.01
N ALA B 205 18.84 7.83 -5.79
CA ALA B 205 19.28 7.96 -7.16
C ALA B 205 20.74 8.28 -7.27
N GLU B 206 21.24 9.13 -6.40
CA GLU B 206 22.66 9.50 -6.50
C GLU B 206 23.59 8.28 -6.24
N SER B 207 23.37 7.55 -5.14
CA SER B 207 24.24 6.45 -4.80
C SER B 207 23.86 5.13 -5.49
N GLU B 208 22.67 5.12 -6.09
CA GLU B 208 22.09 3.95 -6.73
C GLU B 208 21.88 2.81 -5.79
N SER B 209 21.65 3.15 -4.52
CA SER B 209 21.57 2.19 -3.47
C SER B 209 20.25 2.29 -2.73
N VAL B 210 19.79 1.15 -2.22
CA VAL B 210 18.73 1.10 -1.18
C VAL B 210 19.25 1.89 0.06
N VAL B 211 18.38 2.31 0.95
CA VAL B 211 18.79 3.22 2.01
C VAL B 211 18.77 2.55 3.40
N ILE B 212 18.23 1.31 3.50
CA ILE B 212 18.33 0.54 4.73
C ILE B 212 19.01 -0.78 4.42
N LYS B 213 19.73 -1.26 5.42
CA LYS B 213 20.58 -2.44 5.27
C LYS B 213 19.83 -3.79 5.33
N PRO B 214 18.89 -3.94 6.28
CA PRO B 214 18.25 -5.26 6.28
C PRO B 214 17.42 -5.63 5.04
N LYS B 215 17.23 -6.94 4.81
CA LYS B 215 16.25 -7.41 3.80
C LYS B 215 16.45 -6.77 2.44
N GLN B 216 17.70 -6.57 2.05
CA GLN B 216 18.03 -5.98 0.73
C GLN B 216 17.29 -4.66 0.49
N GLY B 217 17.06 -3.95 1.58
CA GLY B 217 16.41 -2.62 1.54
C GLY B 217 14.93 -2.55 1.67
N PHE B 218 14.26 -3.69 1.71
CA PHE B 218 12.80 -3.75 1.81
C PHE B 218 12.39 -3.47 3.27
N GLY B 219 11.40 -2.64 3.46
CA GLY B 219 10.95 -2.23 4.78
C GLY B 219 9.54 -1.62 4.74
N GLY B 220 8.95 -1.51 5.93
CA GLY B 220 7.62 -0.95 6.11
C GLY B 220 7.63 0.57 5.94
N LEU B 221 6.62 1.06 5.22
CA LEU B 221 6.46 2.48 4.91
C LEU B 221 5.51 3.13 5.87
N GLY B 222 5.87 4.31 6.33
CA GLY B 222 5.00 5.18 7.12
C GLY B 222 4.95 6.59 6.58
N GLY B 223 4.09 7.43 7.14
CA GLY B 223 4.11 8.82 6.85
C GLY B 223 3.17 9.20 5.69
N LYS B 224 3.51 10.25 4.96
CA LYS B 224 2.57 10.84 3.98
C LYS B 224 2.18 9.82 2.91
N TYR B 225 3.08 8.90 2.60
CA TYR B 225 2.80 7.86 1.61
C TYR B 225 1.51 7.08 1.93
N ILE B 226 1.17 6.93 3.24
CA ILE B 226 0.19 5.93 3.62
C ILE B 226 -1.14 6.48 4.13
N LEU B 227 -1.33 7.77 4.08
CA LEU B 227 -2.53 8.37 4.72
C LEU B 227 -3.84 7.84 4.09
N PRO B 228 -3.95 7.82 2.74
CA PRO B 228 -5.26 7.36 2.26
C PRO B 228 -5.50 5.85 2.51
N THR B 229 -4.40 5.06 2.51
CA THR B 229 -4.48 3.62 2.94
C THR B 229 -4.90 3.48 4.38
N ALA B 230 -4.34 4.32 5.25
CA ALA B 230 -4.73 4.32 6.66
C ALA B 230 -6.21 4.70 6.88
N LEU B 231 -6.65 5.75 6.20
CA LEU B 231 -8.01 6.22 6.38
C LEU B 231 -8.99 5.14 5.87
N ALA B 232 -8.61 4.51 4.77
CA ALA B 232 -9.43 3.43 4.22
C ALA B 232 -9.62 2.27 5.21
N ASN B 233 -8.54 1.84 5.85
CA ASN B 233 -8.66 0.72 6.78
C ASN B 233 -9.33 1.13 8.05
N VAL B 234 -9.10 2.33 8.55
CA VAL B 234 -9.87 2.87 9.69
C VAL B 234 -11.37 2.79 9.37
N ASN B 235 -11.77 3.41 8.31
CA ASN B 235 -13.18 3.38 7.94
C ASN B 235 -13.77 1.98 7.65
N ALA B 236 -12.98 1.14 6.97
CA ALA B 236 -13.42 -0.24 6.65
C ALA B 236 -13.76 -0.98 7.95
N PHE B 237 -12.88 -0.90 8.94
CA PHE B 237 -13.14 -1.58 10.22
C PHE B 237 -14.12 -0.86 11.06
N TYR B 238 -14.23 0.45 10.94
CA TYR B 238 -15.20 1.16 11.69
C TYR B 238 -16.57 0.71 11.25
N ARG B 239 -16.71 0.55 9.93
CA ARG B 239 -18.02 0.17 9.41
C ARG B 239 -18.33 -1.30 9.75
N ARG B 240 -17.32 -2.16 9.74
CA ARG B 240 -17.52 -3.59 9.90
C ARG B 240 -17.49 -4.10 11.31
N CYS B 241 -16.97 -3.31 12.25
CA CYS B 241 -16.90 -3.70 13.68
C CYS B 241 -17.64 -2.69 14.52
N PRO B 242 -19.00 -2.65 14.39
CA PRO B 242 -19.78 -1.62 15.09
C PRO B 242 -19.73 -1.72 16.63
N ASP B 243 -19.38 -2.88 17.15
CA ASP B 243 -19.24 -3.13 18.60
C ASP B 243 -17.82 -2.97 19.15
N LYS B 244 -16.88 -2.48 18.34
CA LYS B 244 -15.49 -2.30 18.74
C LYS B 244 -15.09 -0.86 18.51
N LEU B 245 -14.02 -0.45 19.17
CA LEU B 245 -13.37 0.82 18.89
C LEU B 245 -12.32 0.62 17.79
N VAL B 246 -12.10 1.68 17.00
CA VAL B 246 -11.01 1.68 16.01
C VAL B 246 -10.07 2.82 16.41
N PHE B 247 -8.78 2.50 16.51
CA PHE B 247 -7.74 3.52 16.73
C PHE B 247 -7.06 3.74 15.36
N GLY B 248 -6.86 5.00 15.01
CA GLY B 248 -6.20 5.31 13.74
C GLY B 248 -4.71 5.51 13.89
N CYS B 249 -3.96 5.02 12.86
CA CYS B 249 -2.53 5.15 12.77
C CYS B 249 -2.16 5.17 11.31
N GLY B 250 -1.43 6.19 10.91
CA GLY B 250 -0.80 6.24 9.55
C GLY B 250 -0.95 7.65 8.98
N GLY B 251 0.17 8.26 8.63
CA GLY B 251 0.14 9.56 7.94
C GLY B 251 -0.32 10.76 8.73
N VAL B 252 -0.31 10.75 10.07
CA VAL B 252 -0.71 11.89 10.85
C VAL B 252 0.48 12.82 11.01
N TYR B 253 0.42 14.00 10.45
CA TYR B 253 1.36 15.09 10.67
C TYR B 253 0.68 16.39 11.15
N SER B 254 -0.64 16.46 11.10
CA SER B 254 -1.34 17.69 11.43
C SER B 254 -2.67 17.43 12.08
N GLY B 255 -3.25 18.47 12.65
CA GLY B 255 -4.55 18.39 13.24
C GLY B 255 -5.58 18.02 12.16
N GLU B 256 -5.34 18.47 10.92
CA GLU B 256 -6.27 18.14 9.85
C GLU B 256 -6.23 16.64 9.53
N ASP B 257 -5.03 16.05 9.50
CA ASP B 257 -4.89 14.61 9.23
C ASP B 257 -5.63 13.82 10.36
N ALA B 258 -5.44 14.25 11.59
CA ALA B 258 -6.16 13.66 12.79
C ALA B 258 -7.65 13.79 12.60
N PHE B 259 -8.09 14.97 12.18
CA PHE B 259 -9.50 15.19 11.88
C PHE B 259 -10.07 14.20 10.86
N LEU B 260 -9.35 13.98 9.79
CA LEU B 260 -9.73 12.97 8.78
C LEU B 260 -9.85 11.61 9.41
N HIS B 261 -8.84 11.22 10.24
CA HIS B 261 -8.86 9.91 10.89
C HIS B 261 -10.15 9.79 11.69
N ILE B 262 -10.44 10.85 12.44
CA ILE B 262 -11.59 10.83 13.35
C ILE B 262 -12.90 10.73 12.56
N LEU B 263 -13.05 11.59 11.56
CA LEU B 263 -14.17 11.44 10.62
C LEU B 263 -14.35 10.06 10.09
N ALA B 264 -13.26 9.36 9.77
CA ALA B 264 -13.26 7.95 9.32
C ALA B 264 -13.65 6.94 10.35
N GLY B 265 -13.57 7.30 11.61
CA GLY B 265 -14.05 6.47 12.70
C GLY B 265 -13.09 6.33 13.84
N ALA B 266 -11.91 6.92 13.75
CA ALA B 266 -10.90 6.76 14.83
C ALA B 266 -11.35 7.33 16.19
N SER B 267 -11.04 6.60 17.26
CA SER B 267 -11.18 7.00 18.67
C SER B 267 -9.84 7.62 19.11
N MET B 268 -8.85 6.82 19.33
CA MET B 268 -7.51 7.36 19.55
C MET B 268 -6.83 7.51 18.14
N VAL B 269 -5.88 8.41 18.10
CA VAL B 269 -5.06 8.76 16.91
C VAL B 269 -3.60 8.61 17.31
N GLN B 270 -2.93 7.67 16.66
CA GLN B 270 -1.51 7.41 16.94
C GLN B 270 -0.62 8.11 15.87
N VAL B 271 0.58 8.46 16.30
CA VAL B 271 1.51 9.30 15.55
C VAL B 271 2.87 8.59 15.56
N GLY B 272 3.30 8.10 14.39
CA GLY B 272 4.56 7.37 14.25
C GLY B 272 5.66 8.22 13.64
N THR B 273 5.75 8.17 12.32
CA THR B 273 6.80 8.85 11.57
C THR B 273 6.93 10.34 11.94
N ALA B 274 5.78 11.04 11.99
CA ALA B 274 5.87 12.47 12.27
C ALA B 274 6.45 12.77 13.67
N LEU B 275 6.16 11.90 14.64
CA LEU B 275 6.66 11.97 16.00
C LEU B 275 8.14 11.62 16.04
N GLN B 276 8.52 10.63 15.27
CA GLN B 276 9.92 10.26 15.13
C GLN B 276 10.71 11.47 14.62
N GLU B 277 10.13 12.16 13.63
CA GLU B 277 10.85 13.28 12.97
C GLU B 277 10.81 14.56 13.78
N GLU B 278 9.67 14.89 14.36
CA GLU B 278 9.45 16.19 15.03
C GLU B 278 9.74 16.20 16.53
N GLY B 279 9.65 15.03 17.18
CA GLY B 279 9.72 14.92 18.58
C GLY B 279 8.39 15.22 19.29
N PRO B 280 8.37 15.05 20.63
CA PRO B 280 7.12 15.02 21.40
C PRO B 280 6.43 16.38 21.49
N GLY B 281 7.12 17.48 21.12
CA GLY B 281 6.40 18.74 20.96
C GLY B 281 5.28 18.67 19.93
N ILE B 282 5.29 17.66 19.07
CA ILE B 282 4.23 17.56 18.05
C ILE B 282 2.83 17.52 18.72
N PHE B 283 2.75 16.95 19.92
CA PHE B 283 1.43 16.72 20.51
C PHE B 283 0.71 18.02 20.86
N THR B 284 1.40 19.06 21.30
CA THR B 284 0.75 20.32 21.55
C THR B 284 0.25 20.95 20.25
N ARG B 285 1.03 20.84 19.15
CA ARG B 285 0.70 21.35 17.90
C ARG B 285 -0.55 20.67 17.36
N LEU B 286 -0.55 19.32 17.41
CA LEU B 286 -1.70 18.57 16.89
C LEU B 286 -2.98 18.90 17.63
N GLU B 287 -2.87 19.02 18.96
CA GLU B 287 -4.04 19.47 19.81
C GLU B 287 -4.58 20.84 19.38
N ASP B 288 -3.70 21.84 19.23
CA ASP B 288 -4.08 23.19 18.84
C ASP B 288 -4.72 23.20 17.48
N GLU B 289 -4.12 22.46 16.57
CA GLU B 289 -4.58 22.43 15.18
C GLU B 289 -5.95 21.69 15.07
N LEU B 290 -6.12 20.61 15.80
CA LEU B 290 -7.45 19.94 15.77
C LEU B 290 -8.54 20.88 16.41
N LEU B 291 -8.18 21.52 17.52
CA LEU B 291 -9.11 22.45 18.18
C LEU B 291 -9.47 23.55 17.26
N GLU B 292 -8.51 24.02 16.48
CA GLU B 292 -8.82 25.10 15.55
C GLU B 292 -9.85 24.70 14.51
N ILE B 293 -9.65 23.52 13.91
CA ILE B 293 -10.55 23.00 12.90
C ILE B 293 -11.93 22.86 13.53
N MET B 294 -11.99 22.23 14.69
CA MET B 294 -13.30 22.12 15.42
C MET B 294 -13.98 23.46 15.71
N ALA B 295 -13.22 24.44 16.17
CA ALA B 295 -13.80 25.78 16.35
C ALA B 295 -14.39 26.35 15.08
N ARG B 296 -13.71 26.26 13.98
CA ARG B 296 -14.13 26.81 12.73
C ARG B 296 -15.41 26.13 12.25
N LYS B 297 -15.57 24.86 12.57
CA LYS B 297 -16.73 24.05 12.16
C LYS B 297 -17.87 24.00 13.15
N GLY B 298 -17.66 24.56 14.33
CA GLY B 298 -18.64 24.58 15.38
C GLY B 298 -18.75 23.27 16.10
N TYR B 299 -17.74 22.37 16.02
CA TYR B 299 -17.77 21.13 16.75
C TYR B 299 -17.24 21.31 18.17
N ARG B 300 -17.98 20.88 19.19
CA ARG B 300 -17.54 21.03 20.58
C ARG B 300 -16.87 19.79 21.21
N THR B 301 -17.11 18.63 20.62
CA THR B 301 -16.56 17.38 21.11
C THR B 301 -16.23 16.47 19.94
N LEU B 302 -15.42 15.44 20.22
CA LEU B 302 -15.02 14.50 19.18
C LEU B 302 -16.15 13.63 18.70
N GLU B 303 -17.08 13.30 19.59
CA GLU B 303 -18.15 12.43 19.18
C GLU B 303 -19.14 13.15 18.23
N GLU B 304 -19.10 14.46 18.17
CA GLU B 304 -19.94 15.17 17.18
C GLU B 304 -19.60 14.83 15.75
N PHE B 305 -18.36 14.44 15.50
CA PHE B 305 -17.97 14.12 14.13
C PHE B 305 -17.33 12.76 13.93
N ARG B 306 -16.97 12.05 14.99
CA ARG B 306 -16.36 10.70 14.80
C ARG B 306 -17.23 9.79 13.94
N GLY B 307 -16.65 9.25 12.88
CA GLY B 307 -17.24 8.29 11.97
C GLY B 307 -18.29 8.94 11.03
N ARG B 308 -18.37 10.26 10.97
CA ARG B 308 -19.40 10.96 10.21
C ARG B 308 -18.95 11.39 8.84
N VAL B 309 -17.90 10.80 8.34
CA VAL B 309 -17.50 11.00 6.94
C VAL B 309 -18.69 10.83 6.01
N LYS B 310 -18.85 11.76 5.05
CA LYS B 310 -19.97 11.68 4.11
C LYS B 310 -19.56 10.91 2.87
N THR B 311 -20.46 10.10 2.34
CA THR B 311 -20.32 9.52 1.03
C THR B 311 -21.23 10.28 0.03
N ILE B 312 -20.98 10.05 -1.23
CA ILE B 312 -21.66 10.79 -2.32
C ILE B 312 -22.82 9.99 -2.83
N GLU B 313 -24.03 10.57 -2.64
CA GLU B 313 -25.31 10.17 -3.24
C GLU B 313 -26.07 9.11 -2.45
N1 FMN C . -4.65 -0.32 -14.94
C2 FMN C . -4.98 -1.29 -15.81
O2 FMN C . -4.29 -2.35 -15.88
N3 FMN C . -6.06 -1.17 -16.59
C4 FMN C . -6.85 -0.12 -16.66
O4 FMN C . -7.80 -0.02 -17.53
C4A FMN C . -6.55 0.95 -15.77
N5 FMN C . -7.30 2.09 -15.71
C5A FMN C . -6.86 3.15 -15.00
C6 FMN C . -7.55 4.33 -15.05
C7 FMN C . -7.20 5.45 -14.31
C7M FMN C . -7.93 6.79 -14.41
C8 FMN C . -6.02 5.33 -13.47
C8M FMN C . -5.52 6.51 -12.71
C9 FMN C . -5.29 4.14 -13.41
C9A FMN C . -5.68 3.04 -14.12
N10 FMN C . -5.01 1.83 -14.07
C10 FMN C . -5.39 0.79 -14.90
C1' FMN C . -3.79 1.64 -13.29
C2' FMN C . -2.64 2.28 -13.96
O2' FMN C . -2.33 1.53 -15.12
C3' FMN C . -1.43 2.16 -13.12
O3' FMN C . -1.15 0.79 -12.83
C4' FMN C . -1.54 2.95 -11.79
O4' FMN C . -2.28 4.13 -11.96
C5' FMN C . -0.23 3.25 -11.09
O5' FMN C . 0.64 4.05 -11.86
P FMN C . 0.76 5.65 -11.53
O1P FMN C . 1.34 5.79 -10.19
O2P FMN C . -0.62 6.23 -11.69
O3P FMN C . 1.68 6.12 -12.64
CO NCO D . -5.69 17.45 -18.29
N1 NCO D . -6.07 17.59 -20.34
N2 NCO D . -5.23 17.32 -16.25
N3 NCO D . -6.44 15.60 -18.28
N4 NCO D . -3.83 16.63 -18.80
N5 NCO D . -4.96 19.32 -18.32
N6 NCO D . -7.52 18.23 -17.82
OAA HRO E . -11.31 1.13 -12.55
CAH HRO E . -10.57 0.91 -13.62
OAD HRO E . -11.13 0.86 -14.67
CAI HRO E . -9.23 0.55 -13.35
CAJ HRO E . -8.76 -0.75 -13.75
CL HRO E . -9.58 -1.78 -15.01
CAL HRO E . -7.53 -1.18 -13.23
OAC HRO E . -6.97 -2.24 -13.48
NAG HRO E . -6.86 -0.35 -12.32
CAK HRO E . -7.36 0.91 -11.92
OAB HRO E . -6.70 1.56 -11.09
NAF HRO E . -8.53 1.30 -12.44
C1 GOL F . -0.43 14.25 -29.99
O1 GOL F . -1.83 14.62 -29.92
C2 GOL F . 0.40 14.94 -28.92
O2 GOL F . 0.26 16.23 -29.50
C3 GOL F . 1.92 14.85 -28.84
O3 GOL F . 2.49 15.07 -27.51
C1 GOL G . 13.53 -9.15 1.05
O1 GOL G . 14.12 -10.05 2.02
C2 GOL G . 13.52 -9.86 -0.33
O2 GOL G . 12.69 -11.07 -0.29
C3 GOL G . 13.02 -8.94 -1.46
O3 GOL G . 13.23 -9.48 -2.81
C1 GOL H . 4.62 -21.47 -3.15
O1 GOL H . 3.86 -20.84 -2.13
C2 GOL H . 6.00 -21.68 -2.50
O2 GOL H . 6.78 -22.26 -3.53
C3 GOL H . 6.56 -20.26 -2.12
O3 GOL H . 7.95 -20.24 -1.71
N1 FMN I . 4.37 -0.96 14.97
C2 FMN I . 4.12 -1.79 16.02
O2 FMN I . 2.97 -2.22 16.14
N3 FMN I . 5.08 -2.21 16.86
C4 FMN I . 6.31 -1.68 16.80
O4 FMN I . 7.23 -2.02 17.64
C4A FMN I . 6.62 -0.80 15.75
N5 FMN I . 7.85 -0.25 15.63
C5A FMN I . 8.01 0.76 14.72
C6 FMN I . 9.24 1.41 14.67
C7 FMN I . 9.51 2.40 13.80
C7M FMN I . 10.86 3.10 13.83
C8 FMN I . 8.48 2.86 12.89
C8M FMN I . 8.69 3.96 11.90
C9 FMN I . 7.23 2.23 12.91
C9A FMN I . 6.96 1.19 13.79
N10 FMN I . 5.74 0.57 13.90
C10 FMN I . 5.53 -0.39 14.84
C1' FMN I . 4.62 0.95 13.09
C2' FMN I . 4.03 2.19 13.60
O2' FMN I . 3.42 1.91 14.83
C3' FMN I . 2.90 2.74 12.69
O3' FMN I . 1.89 1.72 12.63
C4' FMN I . 3.44 3.01 11.26
O4' FMN I . 4.70 3.73 11.31
C5' FMN I . 2.46 3.97 10.47
O5' FMN I . 2.17 5.19 11.18
P FMN I . 2.89 6.56 10.66
O1P FMN I . 2.46 6.78 9.20
O2P FMN I . 4.41 6.27 10.73
O3P FMN I . 2.50 7.59 11.60
OAA HRO J . 10.39 -3.40 14.96
CAH HRO J . 9.91 -3.30 13.85
OAD HRO J . 10.61 -3.68 12.85
CAI HRO J . 8.58 -2.96 13.51
CAJ HRO J . 7.45 -3.63 14.04
CL HRO J . 7.66 -4.83 15.46
CAL HRO J . 6.20 -3.41 13.54
OAC HRO J . 5.15 -3.90 13.95
NAG HRO J . 6.07 -2.43 12.56
CAK HRO J . 7.17 -1.83 11.94
OAB HRO J . 6.98 -1.02 11.06
NAF HRO J . 8.44 -2.07 12.49
C1 GOL K . -15.87 -0.31 2.39
O1 GOL K . -16.47 -0.47 3.70
C2 GOL K . -16.78 -0.79 1.25
O2 GOL K . -16.60 -2.19 1.27
C3 GOL K . -16.34 -0.25 -0.14
O3 GOL K . -17.04 -0.91 -1.17
C1 GOL L . -16.27 -12.75 4.29
O1 GOL L . -17.36 -12.01 3.75
C2 GOL L . -16.51 -14.21 4.71
O2 GOL L . -17.46 -14.14 5.75
C3 GOL L . -15.20 -14.71 5.33
O3 GOL L . -14.19 -14.80 4.34
C1 GOL M . -16.83 9.07 24.95
O1 GOL M . -15.65 9.85 25.08
C2 GOL M . -17.14 8.28 23.64
O2 GOL M . -17.43 9.18 22.58
C3 GOL M . -16.01 7.29 23.28
O3 GOL M . -16.49 6.10 22.60
#